data_4WKU
#
_entry.id   4WKU
#
_cell.length_a   121.131
_cell.length_b   168.243
_cell.length_c   94.945
_cell.angle_alpha   90.00
_cell.angle_beta   90.00
_cell.angle_gamma   90.00
#
_symmetry.space_group_name_H-M   'C 2 2 21'
#
loop_
_entity.id
_entity.type
_entity.pdbx_description
1 polymer 'Acyl-homoserine lactone acylase PvdQ'
2 polymer 'Acyl-homoserine lactone acylase PvdQ'
3 non-polymer GLYCEROL
4 non-polymer hexyl(trihydroxy)borate(1-)
5 water water
#
loop_
_entity_poly.entity_id
_entity_poly.type
_entity_poly.pdbx_seq_one_letter_code
_entity_poly.pdbx_strand_id
1 'polypeptide(L)'
;PTGLAADIRWTAYGVPHIRAKDERGLGYGIGYAYARDNACLLAEEIVTARGERARYFGSEGKSSAELDNLPSDIFYAWLN
QPEALQAFWQAQTPAVRQLLEGYAAGFNRFLREADGKTTSCLGQPWLRAIATDDLLRLTRRLLVEGGVGQFADALVAAAP
PGAEK
;
A
2 'polypeptide(L)'
;SNAIAVGSERSADGKGMLLANPHFPWNGAMRFYQMHLTIPGRLDVMGASLPGLPVVNIGFSRHLAWTHTVDTSSHFTLYR
LALDPKDPRRYLVDGRSLPLEEKSVAIEVRGADGKLSRVEHKVYQSIYGPLVVWPGKLDWNRSEAYALRDANLENTRVLQ
QWYSINQASDVADLRRRVEALQGIPWVNTLAADEQGNALYMNQSVVPYLKPELIPACAIPQLVAEGLPALQGQDSRCAWS
RDPAAAQAGITPAAQLPVLLRRDFVQNSNDSAWLTNPASPLQGFSPLVSQEKPIGPRARYALSRLQGKQPLEAKTLEEMV
TANHVFSADQVLPDLLRLCRDNQGEKSLARACAALAQWDRGANLDSGSGFVYFQRFMQRFAELDGAWKEPFDAQRPLDTP
QGIALDRPQVATQVRQALADAAAEVEKSGIPDGARWGDLQVSTRGQERIAIPGGDGHFGVYNAIQSVRKGDHLEVVGGTS
YIQLVTFPEEGPKARGLLAFSQSSDPRSPHYRDQTELFSRQQWQTLPFSDRQIDADPQLQRLSIREAA
;
B
#
loop_
_chem_comp.id
_chem_comp.type
_chem_comp.name
_chem_comp.formula
3QJ non-polymer hexyl(trihydroxy)borate(1-) 'C6 H16 B O3 -1'
GOL non-polymer GLYCEROL 'C3 H8 O3'
#
# COMPACT_ATOMS: atom_id res chain seq x y z
N THR A 2 -29.83 -9.86 21.13
CA THR A 2 -30.27 -8.67 21.85
C THR A 2 -29.22 -8.19 22.86
N GLY A 3 -28.21 -7.46 22.38
CA GLY A 3 -28.10 -7.11 20.97
C GLY A 3 -26.67 -7.15 20.47
N LEU A 4 -25.77 -6.51 21.20
CA LEU A 4 -24.34 -6.54 20.89
C LEU A 4 -23.65 -7.62 21.71
N ALA A 5 -23.25 -8.70 21.07
CA ALA A 5 -22.53 -9.78 21.77
C ALA A 5 -21.50 -10.42 20.84
N ALA A 6 -20.36 -10.81 21.42
CA ALA A 6 -19.30 -11.41 20.62
C ALA A 6 -18.53 -12.45 21.43
N ASP A 7 -18.16 -13.55 20.78
CA ASP A 7 -17.27 -14.52 21.40
C ASP A 7 -15.89 -14.37 20.75
N ILE A 8 -14.88 -14.15 21.58
CA ILE A 8 -13.54 -13.91 21.08
C ILE A 8 -12.56 -14.98 21.59
N ARG A 9 -11.79 -15.55 20.67
CA ARG A 9 -10.71 -16.44 21.04
C ARG A 9 -9.40 -15.90 20.49
N TRP A 10 -8.36 -15.87 21.33
CA TRP A 10 -7.04 -15.48 20.88
C TRP A 10 -6.13 -16.70 20.79
N THR A 11 -5.45 -16.85 19.67
CA THR A 11 -4.42 -17.87 19.53
C THR A 11 -3.07 -17.22 19.76
N ALA A 12 -2.00 -17.93 19.41
CA ALA A 12 -0.64 -17.42 19.61
C ALA A 12 -0.44 -16.07 18.92
N TYR A 13 0.39 -15.22 19.54
CA TYR A 13 0.75 -13.90 19.01
C TYR A 13 -0.41 -12.90 19.04
N GLY A 14 -1.46 -13.24 19.78
CA GLY A 14 -2.57 -12.31 19.98
C GLY A 14 -3.49 -12.15 18.79
N VAL A 15 -3.64 -13.22 18.00
CA VAL A 15 -4.55 -13.19 16.86
C VAL A 15 -5.97 -13.49 17.31
N PRO A 16 -6.88 -12.52 17.16
CA PRO A 16 -8.27 -12.67 17.59
C PRO A 16 -9.11 -13.47 16.62
N HIS A 17 -9.97 -14.32 17.17
CA HIS A 17 -10.93 -15.08 16.37
C HIS A 17 -12.33 -14.73 16.87
N ILE A 18 -13.04 -13.91 16.10
CA ILE A 18 -14.32 -13.36 16.55
C ILE A 18 -15.52 -14.13 15.99
N ARG A 19 -16.38 -14.60 16.88
CA ARG A 19 -17.62 -15.29 16.50
C ARG A 19 -18.83 -14.50 16.96
N ALA A 20 -19.80 -14.33 16.07
CA ALA A 20 -21.05 -13.63 16.40
C ALA A 20 -22.18 -14.10 15.50
N LYS A 21 -23.41 -13.77 15.87
CA LYS A 21 -24.58 -14.22 15.11
C LYS A 21 -25.00 -13.19 14.06
N ASP A 22 -24.49 -11.97 14.18
CA ASP A 22 -24.78 -10.91 13.21
C ASP A 22 -23.61 -9.94 13.03
N GLU A 23 -23.74 -9.02 12.08
CA GLU A 23 -22.70 -8.03 11.81
C GLU A 23 -22.44 -7.10 12.99
N ARG A 24 -23.50 -6.78 13.73
CA ARG A 24 -23.39 -5.89 14.88
C ARG A 24 -22.51 -6.52 15.96
N GLY A 25 -22.78 -7.78 16.28
CA GLY A 25 -21.98 -8.51 17.24
C GLY A 25 -20.56 -8.74 16.75
N LEU A 26 -20.42 -8.96 15.44
CA LEU A 26 -19.11 -9.19 14.84
C LEU A 26 -18.23 -7.96 14.98
N GLY A 27 -18.79 -6.81 14.63
CA GLY A 27 -18.07 -5.55 14.77
C GLY A 27 -17.69 -5.28 16.21
N TYR A 28 -18.60 -5.62 17.12
CA TYR A 28 -18.37 -5.47 18.55
C TYR A 28 -17.07 -6.17 18.98
N GLY A 29 -16.90 -7.41 18.53
CA GLY A 29 -15.71 -8.17 18.86
C GLY A 29 -14.44 -7.62 18.22
N ILE A 30 -14.56 -7.17 16.98
CA ILE A 30 -13.42 -6.61 16.25
C ILE A 30 -12.91 -5.34 16.91
N GLY A 31 -13.85 -4.46 17.26
CA GLY A 31 -13.51 -3.19 17.91
C GLY A 31 -12.83 -3.39 19.25
N TYR A 32 -13.35 -4.31 20.05
CA TYR A 32 -12.78 -4.60 21.36
C TYR A 32 -11.38 -5.17 21.24
N ALA A 33 -11.23 -6.16 20.36
CA ALA A 33 -9.94 -6.84 20.18
C ALA A 33 -8.86 -5.90 19.64
N TYR A 34 -9.21 -5.10 18.63
CA TYR A 34 -8.24 -4.16 18.06
C TYR A 34 -7.85 -3.09 19.08
N ALA A 35 -8.81 -2.65 19.88
CA ALA A 35 -8.56 -1.66 20.90
C ALA A 35 -7.55 -2.16 21.92
N ARG A 36 -7.66 -3.44 22.28
CA ARG A 36 -6.74 -4.05 23.25
C ARG A 36 -5.31 -4.02 22.74
N ASP A 37 -5.15 -4.12 21.42
CA ASP A 37 -3.84 -4.12 20.80
C ASP A 37 -3.38 -2.74 20.32
N ASN A 38 -4.33 -1.91 19.88
CA ASN A 38 -3.98 -0.69 19.15
C ASN A 38 -4.88 0.54 19.40
N ALA A 39 -5.41 0.69 20.62
CA ALA A 39 -6.29 1.82 20.91
C ALA A 39 -5.63 3.17 20.68
N CYS A 40 -4.37 3.29 21.11
CA CYS A 40 -3.63 4.54 20.96
C CYS A 40 -3.36 4.88 19.50
N LEU A 41 -3.05 3.87 18.69
CA LEU A 41 -2.83 4.07 17.27
C LEU A 41 -4.10 4.59 16.58
N LEU A 42 -5.23 3.96 16.86
CA LEU A 42 -6.49 4.37 16.25
C LEU A 42 -6.91 5.76 16.71
N ALA A 43 -6.66 6.06 17.97
CA ALA A 43 -7.00 7.38 18.53
C ALA A 43 -6.25 8.49 17.83
N GLU A 44 -4.95 8.28 17.63
CA GLU A 44 -4.11 9.24 16.91
C GLU A 44 -4.55 9.45 15.47
N GLU A 45 -4.83 8.36 14.77
CA GLU A 45 -5.21 8.43 13.36
C GLU A 45 -6.59 9.04 13.17
N ILE A 46 -7.47 8.83 14.14
CA ILE A 46 -8.79 9.45 14.12
C ILE A 46 -8.66 10.96 14.31
N VAL A 47 -7.77 11.39 15.20
CA VAL A 47 -7.45 12.80 15.37
C VAL A 47 -7.02 13.41 14.04
N THR A 48 -6.16 12.70 13.33
CA THR A 48 -5.66 13.14 12.03
C THR A 48 -6.80 13.26 11.03
N ALA A 49 -7.63 12.23 10.95
CA ALA A 49 -8.73 12.19 9.98
C ALA A 49 -9.82 13.21 10.32
N ARG A 50 -9.88 13.63 11.58
CA ARG A 50 -10.81 14.66 12.02
C ARG A 50 -10.22 16.05 11.78
N GLY A 51 -8.95 16.10 11.42
CA GLY A 51 -8.26 17.37 11.25
C GLY A 51 -8.11 18.13 12.56
N GLU A 52 -7.70 17.42 13.61
CA GLU A 52 -7.55 18.03 14.93
C GLU A 52 -6.15 17.86 15.49
N ARG A 53 -5.17 17.60 14.62
CA ARG A 53 -3.78 17.42 15.07
C ARG A 53 -3.22 18.69 15.70
N ALA A 54 -3.50 19.84 15.08
CA ALA A 54 -3.02 21.11 15.61
C ALA A 54 -3.68 21.46 16.94
N ARG A 55 -4.91 20.99 17.12
CA ARG A 55 -5.65 21.23 18.35
C ARG A 55 -5.00 20.54 19.55
N TYR A 56 -4.57 19.30 19.36
CA TYR A 56 -3.99 18.52 20.44
C TYR A 56 -2.46 18.62 20.51
N PHE A 57 -1.82 18.83 19.37
CA PHE A 57 -0.37 18.72 19.29
C PHE A 57 0.36 19.99 18.82
N GLY A 58 -0.39 20.97 18.35
CA GLY A 58 0.20 22.21 17.87
C GLY A 58 0.71 22.13 16.45
N SER A 59 1.29 23.22 15.95
CA SER A 59 1.67 23.33 14.55
C SER A 59 3.07 22.82 14.23
N GLU A 60 3.87 22.55 15.27
CA GLU A 60 5.24 22.11 15.08
C GLU A 60 5.34 20.61 14.77
N GLY A 61 4.31 19.87 15.12
CA GLY A 61 4.32 18.43 14.97
C GLY A 61 3.88 17.93 13.60
N LYS A 62 3.94 16.61 13.40
CA LYS A 62 3.56 15.99 12.14
C LYS A 62 2.64 14.80 12.36
N SER A 63 1.94 14.40 11.29
CA SER A 63 1.14 13.18 11.32
C SER A 63 2.05 11.99 11.08
N SER A 64 1.49 10.79 11.16
CA SER A 64 2.26 9.57 10.90
C SER A 64 2.56 9.41 9.41
N ALA A 65 1.95 10.26 8.59
CA ALA A 65 2.23 10.29 7.16
C ALA A 65 3.25 11.37 6.83
N GLU A 66 3.82 11.95 7.88
CA GLU A 66 4.87 12.98 7.77
C GLU A 66 4.39 14.31 7.18
N LEU A 67 3.10 14.59 7.33
CA LEU A 67 2.58 15.89 6.92
C LEU A 67 2.54 16.82 8.14
N ASP A 68 2.87 18.09 7.93
CA ASP A 68 2.74 19.09 8.99
C ASP A 68 1.32 19.07 9.53
N ASN A 69 1.17 19.25 10.84
CA ASN A 69 -0.14 19.12 11.49
C ASN A 69 -1.21 20.04 10.93
N LEU A 70 -0.86 21.31 10.68
CA LEU A 70 -1.84 22.27 10.19
C LEU A 70 -2.29 22.00 8.73
N PRO A 71 -1.34 21.79 7.80
CA PRO A 71 -1.76 21.37 6.45
C PRO A 71 -2.59 20.10 6.45
N SER A 72 -2.19 19.11 7.24
CA SER A 72 -2.93 17.87 7.37
C SER A 72 -4.34 18.12 7.88
N ASP A 73 -4.45 18.96 8.91
CA ASP A 73 -5.76 19.31 9.47
C ASP A 73 -6.65 20.02 8.46
N ILE A 74 -6.06 20.94 7.70
CA ILE A 74 -6.79 21.65 6.65
C ILE A 74 -7.32 20.66 5.61
N PHE A 75 -6.47 19.74 5.19
CA PHE A 75 -6.87 18.76 4.18
C PHE A 75 -8.00 17.86 4.65
N TYR A 76 -7.88 17.33 5.86
CA TYR A 76 -8.87 16.38 6.36
C TYR A 76 -10.17 17.03 6.83
N ALA A 77 -10.09 18.30 7.25
CA ALA A 77 -11.29 19.07 7.54
C ALA A 77 -12.06 19.29 6.24
N TRP A 78 -11.33 19.57 5.17
CA TRP A 78 -11.94 19.72 3.84
C TRP A 78 -12.52 18.41 3.35
N LEU A 79 -11.73 17.34 3.47
CA LEU A 79 -12.13 16.03 2.97
C LEU A 79 -13.34 15.47 3.70
N ASN A 80 -13.30 15.56 5.03
CA ASN A 80 -14.33 14.94 5.85
C ASN A 80 -15.34 15.92 6.42
N GLN A 81 -15.85 16.81 5.57
CA GLN A 81 -16.93 17.71 5.91
C GLN A 81 -18.19 16.90 6.25
N PRO A 82 -19.04 17.43 7.14
CA PRO A 82 -20.27 16.77 7.60
C PRO A 82 -21.16 16.30 6.45
N GLU A 83 -21.28 17.11 5.40
CA GLU A 83 -22.11 16.78 4.25
C GLU A 83 -21.57 15.53 3.54
N ALA A 84 -20.25 15.45 3.44
CA ALA A 84 -19.60 14.31 2.82
C ALA A 84 -19.81 13.03 3.62
N LEU A 85 -19.66 13.12 4.94
CA LEU A 85 -19.81 11.96 5.80
C LEU A 85 -21.25 11.45 5.81
N GLN A 86 -22.20 12.37 5.80
CA GLN A 86 -23.61 12.00 5.77
C GLN A 86 -23.97 11.24 4.50
N ALA A 87 -23.53 11.75 3.36
CA ALA A 87 -23.79 11.09 2.07
C ALA A 87 -23.17 9.70 2.02
N PHE A 88 -21.97 9.55 2.56
CA PHE A 88 -21.30 8.26 2.59
C PHE A 88 -22.09 7.28 3.44
N TRP A 89 -22.52 7.74 4.61
CA TRP A 89 -23.28 6.91 5.53
C TRP A 89 -24.60 6.45 4.93
N GLN A 90 -25.32 7.37 4.28
CA GLN A 90 -26.60 7.05 3.66
C GLN A 90 -26.44 6.03 2.54
N ALA A 91 -25.25 5.94 1.97
CA ALA A 91 -24.98 5.03 0.86
C ALA A 91 -24.55 3.65 1.33
N GLN A 92 -24.39 3.47 2.64
CA GLN A 92 -23.97 2.19 3.20
C GLN A 92 -25.12 1.21 3.36
N THR A 93 -24.85 -0.07 3.09
CA THR A 93 -25.81 -1.15 3.30
C THR A 93 -26.07 -1.35 4.79
N PRO A 94 -27.23 -1.94 5.15
CA PRO A 94 -27.52 -2.27 6.54
C PRO A 94 -26.43 -3.11 7.19
N ALA A 95 -25.88 -4.07 6.44
CA ALA A 95 -24.83 -4.94 6.95
C ALA A 95 -23.58 -4.15 7.35
N VAL A 96 -23.17 -3.22 6.49
CA VAL A 96 -22.00 -2.39 6.74
C VAL A 96 -22.22 -1.41 7.89
N ARG A 97 -23.41 -0.82 7.96
CA ARG A 97 -23.74 0.08 9.06
C ARG A 97 -23.66 -0.65 10.40
N GLN A 98 -24.12 -1.89 10.41
CA GLN A 98 -24.11 -2.70 11.63
C GLN A 98 -22.68 -3.06 12.05
N LEU A 99 -21.84 -3.36 11.07
CA LEU A 99 -20.43 -3.64 11.33
C LEU A 99 -19.75 -2.44 12.00
N LEU A 100 -20.04 -1.25 11.48
CA LEU A 100 -19.43 -0.02 11.97
C LEU A 100 -19.94 0.35 13.36
N GLU A 101 -21.26 0.27 13.55
CA GLU A 101 -21.87 0.52 14.84
C GLU A 101 -21.29 -0.43 15.88
N GLY A 102 -21.16 -1.69 15.51
CA GLY A 102 -20.57 -2.68 16.38
C GLY A 102 -19.13 -2.37 16.72
N TYR A 103 -18.33 -2.05 15.70
CA TYR A 103 -16.93 -1.72 15.89
C TYR A 103 -16.76 -0.59 16.91
N ALA A 104 -17.50 0.51 16.69
CA ALA A 104 -17.43 1.66 17.58
C ALA A 104 -17.76 1.29 19.02
N ALA A 105 -18.81 0.51 19.21
CA ALA A 105 -19.24 0.10 20.54
C ALA A 105 -18.21 -0.80 21.23
N GLY A 106 -17.58 -1.68 20.45
CA GLY A 106 -16.58 -2.59 20.98
C GLY A 106 -15.32 -1.85 21.39
N PHE A 107 -14.88 -0.93 20.55
CA PHE A 107 -13.72 -0.10 20.84
C PHE A 107 -13.98 0.70 22.11
N ASN A 108 -15.14 1.34 22.19
CA ASN A 108 -15.50 2.16 23.33
C ASN A 108 -15.63 1.36 24.63
N ARG A 109 -16.04 0.11 24.52
CA ARG A 109 -16.15 -0.74 25.69
C ARG A 109 -14.78 -1.00 26.31
N PHE A 110 -13.78 -1.20 25.46
CA PHE A 110 -12.42 -1.41 25.96
C PHE A 110 -11.91 -0.17 26.67
N LEU A 111 -12.11 0.99 26.05
CA LEU A 111 -11.70 2.27 26.65
C LEU A 111 -12.25 2.45 28.05
N ARG A 112 -13.53 2.15 28.24
CA ARG A 112 -14.18 2.28 29.54
C ARG A 112 -13.49 1.45 30.62
N GLU A 113 -13.08 0.24 30.26
CA GLU A 113 -12.59 -0.73 31.22
C GLU A 113 -11.06 -0.80 31.30
N ALA A 114 -10.38 -0.15 30.35
CA ALA A 114 -8.92 -0.20 30.27
C ALA A 114 -8.22 0.34 31.52
N ASP A 115 -7.21 -0.38 32.01
CA ASP A 115 -6.45 0.05 33.18
C ASP A 115 -4.97 0.23 32.87
N GLY A 116 -4.64 0.34 31.58
CA GLY A 116 -3.28 0.63 31.17
C GLY A 116 -2.42 -0.59 30.92
N LYS A 117 -3.00 -1.77 31.10
CA LYS A 117 -2.25 -3.02 30.95
C LYS A 117 -1.64 -3.17 29.56
N THR A 118 -2.38 -2.77 28.54
CA THR A 118 -1.90 -2.82 27.16
C THR A 118 -2.12 -1.50 26.43
N THR A 119 -2.31 -0.43 27.20
CA THR A 119 -2.61 0.89 26.63
C THR A 119 -1.74 1.98 27.25
N SER A 120 -0.83 2.53 26.45
CA SER A 120 0.16 3.49 26.95
C SER A 120 -0.32 4.93 27.02
N CYS A 121 -1.51 5.21 26.49
CA CYS A 121 -1.98 6.59 26.39
C CYS A 121 -3.22 6.91 27.21
N LEU A 122 -3.48 6.12 28.25
CA LEU A 122 -4.59 6.37 29.15
C LEU A 122 -4.43 7.74 29.81
N GLY A 123 -5.51 8.52 29.85
CA GLY A 123 -5.46 9.84 30.46
C GLY A 123 -5.26 10.97 29.47
N GLN A 124 -4.80 10.63 28.27
CA GLN A 124 -4.62 11.62 27.21
C GLN A 124 -5.99 12.10 26.72
N PRO A 125 -6.13 13.42 26.50
CA PRO A 125 -7.41 14.01 26.08
C PRO A 125 -7.88 13.52 24.72
N TRP A 126 -6.95 13.12 23.85
CA TRP A 126 -7.31 12.63 22.53
C TRP A 126 -7.69 11.14 22.52
N LEU A 127 -7.41 10.45 23.62
CA LEU A 127 -7.88 9.07 23.78
C LEU A 127 -9.31 9.11 24.32
N ARG A 128 -10.28 8.99 23.41
CA ARG A 128 -11.67 9.14 23.78
C ARG A 128 -12.59 8.21 22.99
N ALA A 129 -13.84 8.11 23.44
CA ALA A 129 -14.83 7.29 22.76
C ALA A 129 -14.97 7.72 21.30
N ILE A 130 -15.17 6.75 20.41
CA ILE A 130 -15.28 7.03 18.99
C ILE A 130 -16.70 6.83 18.50
N ALA A 131 -16.98 7.32 17.30
CA ALA A 131 -18.30 7.18 16.70
C ALA A 131 -18.16 6.60 15.30
N THR A 132 -19.28 6.19 14.70
CA THR A 132 -19.27 5.64 13.36
C THR A 132 -18.72 6.65 12.35
N ASP A 133 -18.99 7.93 12.57
CA ASP A 133 -18.47 8.99 11.73
C ASP A 133 -16.94 8.98 11.68
N ASP A 134 -16.32 8.65 12.81
CA ASP A 134 -14.87 8.57 12.89
C ASP A 134 -14.32 7.46 11.98
N LEU A 135 -15.03 6.34 11.95
CA LEU A 135 -14.64 5.22 11.11
C LEU A 135 -14.84 5.58 9.63
N LEU A 136 -15.84 6.41 9.36
CA LEU A 136 -16.08 6.90 8.01
C LEU A 136 -14.95 7.84 7.58
N ARG A 137 -14.44 8.62 8.54
CA ARG A 137 -13.35 9.54 8.27
C ARG A 137 -12.07 8.77 7.93
N LEU A 138 -11.86 7.65 8.61
CA LEU A 138 -10.71 6.80 8.35
C LEU A 138 -10.84 6.11 6.99
N THR A 139 -12.05 5.68 6.68
CA THR A 139 -12.33 5.00 5.41
C THR A 139 -12.09 5.94 4.23
N ARG A 140 -12.58 7.18 4.34
CA ARG A 140 -12.41 8.17 3.29
C ARG A 140 -10.95 8.56 3.14
N ARG A 141 -10.24 8.64 4.26
CA ARG A 141 -8.82 8.93 4.25
C ARG A 141 -8.06 7.86 3.46
N LEU A 142 -8.46 6.61 3.68
CA LEU A 142 -7.88 5.46 2.98
C LEU A 142 -8.19 5.54 1.48
N LEU A 143 -9.44 5.92 1.16
CA LEU A 143 -9.90 6.00 -0.21
CA LEU A 143 -9.91 6.01 -0.21
C LEU A 143 -9.06 6.93 -1.08
N VAL A 144 -8.78 8.13 -0.58
CA VAL A 144 -8.07 9.14 -1.36
C VAL A 144 -6.55 8.96 -1.39
N GLU A 145 -6.06 7.87 -0.80
CA GLU A 145 -4.63 7.59 -0.79
CA GLU A 145 -4.62 7.58 -0.80
C GLU A 145 -4.09 7.36 -2.21
N GLY A 146 -4.97 6.92 -3.10
CA GLY A 146 -4.59 6.70 -4.49
C GLY A 146 -4.93 7.89 -5.37
N GLY A 147 -5.19 9.03 -4.75
CA GLY A 147 -5.58 10.22 -5.49
C GLY A 147 -5.24 11.54 -4.80
N VAL A 148 -6.27 12.30 -4.44
CA VAL A 148 -6.10 13.65 -3.92
C VAL A 148 -5.31 13.70 -2.60
N GLY A 149 -5.27 12.57 -1.89
CA GLY A 149 -4.48 12.46 -0.69
C GLY A 149 -3.00 12.64 -0.96
N GLN A 150 -2.57 12.20 -2.15
CA GLN A 150 -1.19 12.37 -2.58
C GLN A 150 -0.88 13.84 -2.86
N PHE A 151 -1.93 14.65 -2.97
CA PHE A 151 -1.79 16.06 -3.30
C PHE A 151 -2.26 16.95 -2.15
N ALA A 152 -2.20 16.42 -0.94
CA ALA A 152 -2.65 17.15 0.25
C ALA A 152 -1.93 18.48 0.42
N ASP A 153 -0.61 18.45 0.37
CA ASP A 153 0.20 19.67 0.46
C ASP A 153 -0.11 20.62 -0.68
N ALA A 154 -0.26 20.06 -1.88
CA ALA A 154 -0.51 20.86 -3.08
C ALA A 154 -1.87 21.56 -3.00
N LEU A 155 -2.85 20.89 -2.39
CA LEU A 155 -4.17 21.47 -2.21
C LEU A 155 -4.10 22.66 -1.25
N VAL A 156 -3.41 22.46 -0.13
CA VAL A 156 -3.26 23.49 0.88
C VAL A 156 -2.51 24.70 0.34
N ALA A 157 -1.57 24.46 -0.57
CA ALA A 157 -0.74 25.52 -1.13
C ALA A 157 -1.43 26.31 -2.24
N ALA A 158 -2.55 25.78 -2.74
CA ALA A 158 -3.24 26.40 -3.87
C ALA A 158 -3.90 27.75 -3.53
N ALA A 159 -3.25 28.84 -3.95
CA ALA A 159 -3.76 30.18 -3.73
C ALA A 159 -3.66 31.01 -5.00
N PRO A 160 -4.66 31.88 -5.25
CA PRO A 160 -4.65 32.72 -6.46
C PRO A 160 -3.46 33.67 -6.48
N PRO A 161 -2.97 34.00 -7.69
CA PRO A 161 -1.83 34.92 -7.85
C PRO A 161 -2.15 36.33 -7.36
N GLY A 162 -1.13 37.09 -7.00
CA GLY A 162 -1.29 38.48 -6.62
C GLY A 162 -1.10 39.40 -7.81
N ALA A 163 -0.62 40.60 -7.56
CA ALA A 163 -0.41 41.58 -8.63
C ALA A 163 1.01 41.53 -9.19
N GLU A 164 1.60 40.33 -9.21
CA GLU A 164 3.01 40.18 -9.57
C GLU A 164 3.31 40.25 -11.07
N LYS A 165 4.49 40.79 -11.38
CA LYS A 165 5.06 40.79 -12.74
C LYS A 165 4.07 41.13 -13.86
N SER B 1 4.51 -4.39 -3.23
CA SER B 1 3.88 -5.61 -2.87
C SER B 1 4.15 -6.66 -3.92
N ASN B 2 4.15 -7.91 -3.49
CA ASN B 2 4.23 -9.04 -4.39
C ASN B 2 3.00 -9.93 -4.21
N ALA B 3 2.63 -10.64 -5.27
CA ALA B 3 1.55 -11.60 -5.20
C ALA B 3 1.75 -12.66 -6.27
N ILE B 4 1.59 -13.93 -5.89
CA ILE B 4 1.70 -15.04 -6.82
C ILE B 4 0.55 -16.01 -6.57
N ALA B 5 -0.22 -16.29 -7.62
CA ALA B 5 -1.25 -17.31 -7.55
C ALA B 5 -0.87 -18.46 -8.48
N VAL B 6 -0.89 -19.68 -7.97
CA VAL B 6 -0.51 -20.85 -8.75
C VAL B 6 -1.68 -21.80 -8.94
N GLY B 7 -1.87 -22.28 -10.16
CA GLY B 7 -3.00 -23.14 -10.48
C GLY B 7 -2.68 -24.62 -10.53
N SER B 8 -3.67 -25.41 -10.98
CA SER B 8 -3.56 -26.87 -10.99
C SER B 8 -2.51 -27.43 -11.94
N GLU B 9 -2.17 -26.66 -12.97
CA GLU B 9 -1.23 -27.12 -13.98
C GLU B 9 0.23 -26.98 -13.52
N ARG B 10 0.46 -26.17 -12.49
CA ARG B 10 1.83 -25.89 -12.04
C ARG B 10 2.12 -26.27 -10.59
N SER B 11 1.07 -26.43 -9.78
CA SER B 11 1.25 -26.76 -8.37
CA SER B 11 1.25 -26.76 -8.37
C SER B 11 1.55 -28.24 -8.16
N ALA B 12 2.36 -28.53 -7.15
CA ALA B 12 2.78 -29.91 -6.86
C ALA B 12 1.62 -30.81 -6.44
N ASP B 13 0.55 -30.21 -5.92
CA ASP B 13 -0.59 -30.98 -5.43
C ASP B 13 -1.78 -30.95 -6.39
N GLY B 14 -1.66 -30.19 -7.48
CA GLY B 14 -2.75 -30.08 -8.44
C GLY B 14 -3.85 -29.16 -7.96
N LYS B 15 -3.61 -28.47 -6.85
CA LYS B 15 -4.60 -27.55 -6.30
C LYS B 15 -4.09 -26.11 -6.31
N GLY B 16 -4.94 -25.16 -5.93
CA GLY B 16 -4.56 -23.77 -5.93
C GLY B 16 -3.57 -23.44 -4.83
N MET B 17 -2.90 -22.30 -4.99
CA MET B 17 -1.89 -21.86 -4.04
C MET B 17 -1.66 -20.36 -4.23
N LEU B 18 -1.47 -19.65 -3.12
CA LEU B 18 -1.30 -18.19 -3.18
C LEU B 18 -0.26 -17.69 -2.19
N LEU B 19 0.69 -16.92 -2.68
CA LEU B 19 1.62 -16.19 -1.81
C LEU B 19 1.23 -14.73 -1.77
N ALA B 20 0.97 -14.23 -0.56
CA ALA B 20 0.62 -12.83 -0.38
C ALA B 20 1.73 -12.09 0.35
N ASN B 21 2.37 -11.14 -0.33
CA ASN B 21 3.47 -10.38 0.25
C ASN B 21 3.32 -8.87 0.02
N PRO B 22 2.29 -8.26 0.63
CA PRO B 22 2.12 -6.80 0.49
C PRO B 22 3.22 -6.03 1.21
N HIS B 23 3.58 -4.87 0.66
CA HIS B 23 4.60 -4.02 1.25
C HIS B 23 3.97 -2.73 1.76
N PHE B 24 3.88 -2.60 3.07
CA PHE B 24 3.11 -1.52 3.68
C PHE B 24 3.82 -0.95 4.91
N PRO B 25 3.41 0.26 5.35
CA PRO B 25 4.08 0.88 6.51
C PRO B 25 4.00 0.04 7.77
N TRP B 26 5.00 0.20 8.65
CA TRP B 26 5.06 -0.54 9.89
C TRP B 26 4.39 0.23 11.03
N ASN B 27 3.93 1.44 10.72
CA ASN B 27 3.25 2.29 11.68
C ASN B 27 2.09 3.03 11.03
N GLY B 28 1.18 3.55 11.85
CA GLY B 28 0.18 4.47 11.36
C GLY B 28 -1.10 3.86 10.78
N ALA B 29 -1.76 4.65 9.94
CA ALA B 29 -3.12 4.34 9.47
C ALA B 29 -3.22 3.17 8.49
N MET B 30 -2.09 2.66 8.02
CA MET B 30 -2.10 1.52 7.10
C MET B 30 -1.30 0.33 7.64
N ARG B 31 -1.27 0.22 8.96
CA ARG B 31 -0.61 -0.89 9.64
C ARG B 31 -1.55 -2.09 9.68
N PHE B 32 -1.15 -3.19 9.02
CA PHE B 32 -1.98 -4.40 8.99
C PHE B 32 -2.22 -5.00 10.37
N TYR B 33 -3.34 -5.69 10.51
CA TYR B 33 -3.73 -6.32 11.76
C TYR B 33 -4.42 -7.66 11.47
N GLN B 34 -3.92 -8.73 12.07
CA GLN B 34 -4.48 -10.07 11.82
C GLN B 34 -5.79 -10.28 12.57
N MET B 35 -6.73 -10.96 11.92
CA MET B 35 -7.95 -11.40 12.59
C MET B 35 -8.74 -12.45 11.80
N HIS B 36 -9.59 -13.16 12.51
CA HIS B 36 -10.42 -14.22 11.93
C HIS B 36 -11.87 -13.92 12.29
N LEU B 37 -12.73 -13.83 11.29
CA LEU B 37 -14.13 -13.46 11.50
C LEU B 37 -15.05 -14.60 11.12
N THR B 38 -16.03 -14.86 11.97
CA THR B 38 -17.00 -15.92 11.71
C THR B 38 -18.41 -15.53 12.12
N ILE B 39 -19.34 -15.62 11.16
CA ILE B 39 -20.76 -15.68 11.47
C ILE B 39 -21.22 -17.05 10.99
N PRO B 40 -21.36 -18.00 11.93
CA PRO B 40 -21.61 -19.41 11.63
C PRO B 40 -22.71 -19.62 10.59
N GLY B 41 -22.38 -20.28 9.49
CA GLY B 41 -23.34 -20.53 8.43
C GLY B 41 -23.19 -19.68 7.19
N ARG B 42 -22.62 -18.48 7.34
CA ARG B 42 -22.55 -17.56 6.20
C ARG B 42 -21.28 -16.70 6.10
N LEU B 43 -20.38 -16.81 7.08
CA LEU B 43 -19.12 -16.08 7.01
C LEU B 43 -18.02 -16.80 7.79
N ASP B 44 -16.90 -17.06 7.12
CA ASP B 44 -15.73 -17.63 7.79
C ASP B 44 -14.47 -17.26 7.03
N VAL B 45 -13.86 -16.15 7.41
CA VAL B 45 -12.71 -15.61 6.69
C VAL B 45 -11.61 -15.23 7.67
N MET B 46 -10.35 -15.42 7.26
CA MET B 46 -9.22 -15.05 8.10
C MET B 46 -8.17 -14.34 7.25
N GLY B 47 -7.49 -13.38 7.85
CA GLY B 47 -6.44 -12.63 7.16
C GLY B 47 -5.97 -11.43 7.94
N ALA B 48 -5.75 -10.33 7.23
CA ALA B 48 -5.33 -9.08 7.86
C ALA B 48 -6.16 -7.91 7.36
N SER B 49 -6.25 -6.87 8.18
CA SER B 49 -7.00 -5.68 7.81
C SER B 49 -6.30 -4.42 8.27
N LEU B 50 -6.84 -3.28 7.84
CA LEU B 50 -6.28 -1.98 8.17
C LEU B 50 -7.06 -1.36 9.33
N PRO B 51 -6.41 -0.45 10.10
CA PRO B 51 -7.04 0.16 11.26
C PRO B 51 -8.38 0.81 10.96
N GLY B 52 -9.41 0.44 11.72
CA GLY B 52 -10.72 1.04 11.58
C GLY B 52 -11.70 0.28 10.69
N LEU B 53 -11.19 -0.70 9.95
CA LEU B 53 -12.02 -1.47 9.01
C LEU B 53 -12.45 -2.81 9.60
N PRO B 54 -13.77 -3.03 9.74
CA PRO B 54 -14.31 -4.28 10.28
C PRO B 54 -14.52 -5.33 9.20
N VAL B 55 -13.58 -5.42 8.27
CA VAL B 55 -13.59 -6.46 7.24
C VAL B 55 -12.16 -6.93 7.03
N VAL B 56 -11.98 -8.12 6.48
CA VAL B 56 -10.65 -8.62 6.15
C VAL B 56 -10.23 -8.13 4.75
N ASN B 57 -9.09 -7.44 4.69
CA ASN B 57 -8.61 -6.87 3.42
C ASN B 57 -7.87 -7.88 2.56
N ILE B 58 -6.98 -8.64 3.19
CA ILE B 58 -6.23 -9.70 2.52
C ILE B 58 -6.39 -10.95 3.37
N GLY B 59 -6.76 -12.07 2.76
CA GLY B 59 -6.94 -13.29 3.53
C GLY B 59 -7.35 -14.52 2.75
N PHE B 60 -8.11 -15.39 3.41
CA PHE B 60 -8.49 -16.66 2.84
C PHE B 60 -9.73 -17.21 3.53
N SER B 61 -10.42 -18.12 2.85
CA SER B 61 -11.56 -18.81 3.42
C SER B 61 -11.40 -20.31 3.18
N ARG B 62 -12.51 -21.04 3.23
CA ARG B 62 -12.48 -22.49 3.08
C ARG B 62 -11.87 -22.96 1.76
N HIS B 63 -12.28 -22.33 0.67
CA HIS B 63 -11.86 -22.77 -0.66
C HIS B 63 -11.13 -21.69 -1.45
N LEU B 64 -10.89 -20.54 -0.83
CA LEU B 64 -10.36 -19.39 -1.55
C LEU B 64 -9.34 -18.60 -0.75
N ALA B 65 -8.32 -18.09 -1.44
CA ALA B 65 -7.37 -17.14 -0.86
C ALA B 65 -7.18 -16.00 -1.86
N TRP B 66 -7.06 -14.78 -1.36
CA TRP B 66 -6.85 -13.63 -2.22
C TRP B 66 -5.91 -12.61 -1.57
N THR B 67 -5.37 -11.73 -2.39
CA THR B 67 -4.52 -10.65 -1.89
C THR B 67 -4.56 -9.49 -2.87
N HIS B 68 -3.86 -8.41 -2.52
CA HIS B 68 -3.83 -7.22 -3.36
C HIS B 68 -2.41 -6.68 -3.54
N THR B 69 -2.20 -5.96 -4.63
CA THR B 69 -1.00 -5.16 -4.84
C THR B 69 -1.43 -3.82 -5.41
N VAL B 70 -0.70 -2.75 -5.09
CA VAL B 70 -1.00 -1.44 -5.65
C VAL B 70 -0.80 -1.45 -7.17
N ASP B 71 -1.83 -1.07 -7.92
CA ASP B 71 -1.76 -1.10 -9.38
C ASP B 71 -1.06 0.12 -9.98
N THR B 72 -0.92 0.11 -11.30
CA THR B 72 -0.30 1.21 -12.02
C THR B 72 -1.35 2.08 -12.70
N SER B 73 -2.62 1.69 -12.56
CA SER B 73 -3.71 2.45 -13.14
C SER B 73 -3.83 3.81 -12.46
N SER B 74 -4.36 4.79 -13.20
CA SER B 74 -4.64 6.10 -12.61
C SER B 74 -6.01 6.07 -11.97
N HIS B 75 -6.15 6.73 -10.83
CA HIS B 75 -7.42 6.77 -10.12
C HIS B 75 -7.86 8.20 -9.91
N PHE B 76 -7.24 9.09 -10.66
CA PHE B 76 -7.59 10.50 -10.67
C PHE B 76 -7.13 11.10 -11.99
N THR B 77 -7.61 12.31 -12.29
CA THR B 77 -7.09 13.08 -13.40
C THR B 77 -6.85 14.51 -12.95
N LEU B 78 -5.74 15.09 -13.37
CA LEU B 78 -5.53 16.52 -13.23
C LEU B 78 -6.26 17.20 -14.38
N TYR B 79 -6.75 18.41 -14.13
CA TYR B 79 -7.37 19.20 -15.20
C TYR B 79 -6.67 20.55 -15.30
N ARG B 80 -6.05 20.82 -16.44
CA ARG B 80 -5.48 22.14 -16.66
C ARG B 80 -6.58 23.12 -17.00
N LEU B 81 -6.75 24.12 -16.14
CA LEU B 81 -7.80 25.11 -16.35
C LEU B 81 -7.27 26.27 -17.20
N ALA B 82 -8.10 26.72 -18.14
CA ALA B 82 -7.83 27.96 -18.85
C ALA B 82 -8.50 29.09 -18.08
N LEU B 83 -7.71 29.96 -17.47
CA LEU B 83 -8.24 31.00 -16.62
C LEU B 83 -8.83 32.17 -17.42
N ASP B 84 -9.86 32.79 -16.86
CA ASP B 84 -10.44 34.00 -17.44
C ASP B 84 -9.35 35.07 -17.48
N PRO B 85 -9.03 35.55 -18.69
CA PRO B 85 -8.01 36.60 -18.88
C PRO B 85 -8.27 37.86 -18.07
N LYS B 86 -9.52 38.04 -17.62
CA LYS B 86 -9.89 39.20 -16.82
C LYS B 86 -9.92 38.89 -15.32
N ASP B 87 -9.93 37.61 -14.98
CA ASP B 87 -10.11 37.19 -13.59
C ASP B 87 -9.51 35.81 -13.34
N PRO B 88 -8.38 35.75 -12.61
CA PRO B 88 -7.70 34.49 -12.32
C PRO B 88 -8.43 33.63 -11.30
N ARG B 89 -9.56 34.10 -10.80
CA ARG B 89 -10.40 33.31 -9.90
C ARG B 89 -11.59 32.75 -10.66
N ARG B 90 -11.57 32.92 -11.98
CA ARG B 90 -12.58 32.36 -12.85
C ARG B 90 -11.91 31.57 -13.96
N TYR B 91 -12.58 30.55 -14.47
CA TYR B 91 -11.98 29.67 -15.47
C TYR B 91 -12.98 29.41 -16.60
N LEU B 92 -12.46 29.04 -17.77
CA LEU B 92 -13.27 28.91 -18.96
C LEU B 92 -13.62 27.46 -19.29
N VAL B 93 -14.91 27.21 -19.53
CA VAL B 93 -15.37 25.92 -20.07
C VAL B 93 -16.25 26.20 -21.28
N ASP B 94 -15.85 25.69 -22.43
CA ASP B 94 -16.52 25.98 -23.70
C ASP B 94 -16.61 27.49 -23.96
N GLY B 95 -15.56 28.20 -23.60
CA GLY B 95 -15.48 29.63 -23.84
C GLY B 95 -16.27 30.47 -22.86
N ARG B 96 -16.86 29.82 -21.86
CA ARG B 96 -17.69 30.50 -20.87
C ARG B 96 -16.97 30.61 -19.53
N SER B 97 -17.00 31.81 -18.95
CA SER B 97 -16.31 32.05 -17.69
C SER B 97 -17.13 31.60 -16.48
N LEU B 98 -16.54 30.71 -15.68
CA LEU B 98 -17.19 30.19 -14.48
C LEU B 98 -16.42 30.60 -13.23
N PRO B 99 -17.14 30.85 -12.12
CA PRO B 99 -16.46 31.26 -10.89
C PRO B 99 -15.94 30.06 -10.12
N LEU B 100 -14.80 30.23 -9.44
CA LEU B 100 -14.31 29.20 -8.54
C LEU B 100 -15.12 29.25 -7.26
N GLU B 101 -15.50 28.08 -6.76
CA GLU B 101 -16.18 28.01 -5.47
C GLU B 101 -15.14 28.06 -4.36
N GLU B 102 -15.46 28.76 -3.29
CA GLU B 102 -14.55 28.90 -2.17
C GLU B 102 -15.16 28.28 -0.92
N LYS B 103 -14.50 27.25 -0.40
CA LYS B 103 -14.92 26.64 0.85
C LYS B 103 -13.90 26.96 1.93
N SER B 104 -14.33 27.66 2.97
CA SER B 104 -13.45 27.97 4.09
C SER B 104 -13.58 26.90 5.17
N VAL B 105 -12.44 26.42 5.65
CA VAL B 105 -12.43 25.50 6.78
C VAL B 105 -11.69 26.13 7.95
N ALA B 106 -12.19 25.88 9.16
CA ALA B 106 -11.61 26.47 10.35
C ALA B 106 -10.90 25.42 11.19
N ILE B 107 -9.67 25.73 11.59
CA ILE B 107 -8.85 24.79 12.35
C ILE B 107 -8.42 25.40 13.68
N GLU B 108 -8.56 24.63 14.75
CA GLU B 108 -8.10 25.07 16.07
C GLU B 108 -6.63 24.70 16.22
N VAL B 109 -5.82 25.66 16.65
CA VAL B 109 -4.38 25.45 16.80
C VAL B 109 -3.94 25.77 18.22
N ARG B 110 -3.28 24.80 18.85
CA ARG B 110 -2.79 24.97 20.21
C ARG B 110 -1.44 25.69 20.20
N GLY B 111 -1.36 26.78 20.95
CA GLY B 111 -0.11 27.50 21.09
C GLY B 111 0.68 26.95 22.25
N ALA B 112 1.93 27.37 22.40
CA ALA B 112 2.74 26.95 23.54
C ALA B 112 2.09 27.39 24.85
N ASP B 113 1.39 28.52 24.81
CA ASP B 113 0.66 29.00 25.97
C ASP B 113 -0.54 28.11 26.29
N GLY B 114 -0.83 27.16 25.41
CA GLY B 114 -1.90 26.21 25.64
C GLY B 114 -3.25 26.74 25.24
N LYS B 115 -3.28 27.97 24.76
CA LYS B 115 -4.51 28.60 24.30
C LYS B 115 -4.85 28.13 22.89
N LEU B 116 -6.13 27.99 22.60
CA LEU B 116 -6.56 27.64 21.25
C LEU B 116 -6.85 28.88 20.43
N SER B 117 -6.17 29.00 19.28
CA SER B 117 -6.49 30.05 18.32
C SER B 117 -7.08 29.40 17.07
N ARG B 118 -7.89 30.17 16.34
CA ARG B 118 -8.61 29.63 15.19
C ARG B 118 -8.01 30.13 13.88
N VAL B 119 -7.64 29.19 13.01
CA VAL B 119 -7.11 29.53 11.70
C VAL B 119 -8.14 29.23 10.62
N GLU B 120 -8.42 30.21 9.78
CA GLU B 120 -9.32 30.01 8.64
C GLU B 120 -8.52 29.89 7.34
N HIS B 121 -8.90 28.93 6.51
CA HIS B 121 -8.19 28.68 5.26
C HIS B 121 -9.17 28.45 4.11
N LYS B 122 -8.94 29.15 2.99
CA LYS B 122 -9.80 29.02 1.82
C LYS B 122 -9.34 27.91 0.89
N VAL B 123 -10.26 27.01 0.56
CA VAL B 123 -10.02 25.96 -0.41
C VAL B 123 -10.81 26.26 -1.69
N TYR B 124 -10.09 26.55 -2.77
CA TYR B 124 -10.72 26.88 -4.04
C TYR B 124 -11.08 25.62 -4.82
N GLN B 125 -12.29 25.58 -5.36
CA GLN B 125 -12.77 24.39 -6.05
C GLN B 125 -13.38 24.72 -7.40
N SER B 126 -13.15 23.82 -8.36
CA SER B 126 -13.74 23.93 -9.68
C SER B 126 -14.80 22.84 -9.82
N ILE B 127 -15.45 22.77 -10.97
CA ILE B 127 -16.44 21.73 -11.22
C ILE B 127 -15.82 20.33 -11.18
N TYR B 128 -14.50 20.28 -11.36
CA TYR B 128 -13.77 19.02 -11.36
C TYR B 128 -13.33 18.61 -9.96
N GLY B 129 -13.08 19.60 -9.11
CA GLY B 129 -12.59 19.37 -7.77
C GLY B 129 -11.66 20.47 -7.34
N PRO B 130 -10.91 20.25 -6.25
CA PRO B 130 -10.05 21.29 -5.68
C PRO B 130 -8.85 21.61 -6.56
N LEU B 131 -8.38 22.86 -6.46
CA LEU B 131 -7.18 23.26 -7.18
C LEU B 131 -5.94 22.82 -6.42
N VAL B 132 -4.87 22.52 -7.16
CA VAL B 132 -3.62 22.06 -6.55
C VAL B 132 -2.43 22.81 -7.16
N VAL B 133 -1.40 23.04 -6.34
CA VAL B 133 -0.19 23.70 -6.83
C VAL B 133 1.09 22.96 -6.51
N TRP B 134 1.87 22.68 -7.54
CA TRP B 134 3.26 22.24 -7.40
C TRP B 134 4.12 23.38 -7.92
N PRO B 135 4.76 24.13 -7.01
CA PRO B 135 5.57 25.28 -7.41
C PRO B 135 6.63 24.91 -8.44
N GLY B 136 6.63 25.59 -9.58
CA GLY B 136 7.59 25.32 -10.64
C GLY B 136 7.13 24.29 -11.65
N LYS B 137 6.02 23.63 -11.37
CA LYS B 137 5.45 22.66 -12.30
C LYS B 137 3.97 22.94 -12.57
N LEU B 138 3.14 22.80 -11.53
CA LEU B 138 1.72 23.10 -11.64
C LEU B 138 1.42 24.37 -10.85
N ASP B 139 1.61 25.52 -11.48
CA ASP B 139 1.40 26.80 -10.81
C ASP B 139 -0.01 27.32 -11.02
N TRP B 140 -0.38 28.33 -10.23
CA TRP B 140 -1.62 29.05 -10.44
C TRP B 140 -1.26 30.49 -10.76
N ASN B 141 -1.13 30.78 -12.06
CA ASN B 141 -0.84 32.13 -12.51
C ASN B 141 -2.08 32.81 -13.07
N ARG B 142 -1.92 33.73 -14.01
CA ARG B 142 -3.06 34.43 -14.58
C ARG B 142 -3.50 33.81 -15.90
N SER B 143 -2.83 32.74 -16.29
CA SER B 143 -3.16 32.05 -17.53
C SER B 143 -3.79 30.69 -17.26
N GLU B 144 -3.25 29.98 -16.28
CA GLU B 144 -3.69 28.61 -16.02
C GLU B 144 -3.61 28.21 -14.56
N ALA B 145 -4.35 27.16 -14.22
CA ALA B 145 -4.28 26.53 -12.90
C ALA B 145 -4.66 25.07 -13.09
N TYR B 146 -4.53 24.28 -12.02
CA TYR B 146 -4.83 22.85 -12.12
C TYR B 146 -5.79 22.39 -11.04
N ALA B 147 -6.79 21.62 -11.45
CA ALA B 147 -7.72 21.02 -10.49
C ALA B 147 -7.57 19.50 -10.54
N LEU B 148 -7.98 18.84 -9.47
CA LEU B 148 -7.83 17.39 -9.39
C LEU B 148 -9.17 16.71 -9.13
N ARG B 149 -9.53 15.75 -9.96
CA ARG B 149 -10.70 14.94 -9.69
C ARG B 149 -10.31 13.52 -9.28
N ASP B 150 -10.57 13.19 -8.02
CA ASP B 150 -10.28 11.86 -7.49
C ASP B 150 -11.53 10.98 -7.67
N ALA B 151 -11.34 9.84 -8.33
CA ALA B 151 -12.45 8.94 -8.62
C ALA B 151 -13.03 8.29 -7.37
N ASN B 152 -12.18 8.02 -6.39
CA ASN B 152 -12.60 7.33 -5.18
C ASN B 152 -13.38 8.19 -4.18
N LEU B 153 -13.51 9.47 -4.46
CA LEU B 153 -14.32 10.36 -3.63
C LEU B 153 -15.79 9.95 -3.69
N GLU B 154 -16.18 9.34 -4.80
CA GLU B 154 -17.56 8.90 -5.00
C GLU B 154 -17.71 7.40 -4.78
N ASN B 155 -16.63 6.74 -4.39
CA ASN B 155 -16.66 5.31 -4.11
C ASN B 155 -17.19 5.02 -2.71
N THR B 156 -18.52 4.92 -2.60
CA THR B 156 -19.15 4.61 -1.32
C THR B 156 -19.29 3.10 -1.13
N ARG B 157 -18.69 2.34 -2.05
CA ARG B 157 -18.88 0.89 -2.10
C ARG B 157 -17.70 0.09 -1.55
N VAL B 158 -16.67 0.78 -1.08
CA VAL B 158 -15.43 0.12 -0.67
C VAL B 158 -15.58 -0.91 0.46
N LEU B 159 -16.39 -0.59 1.47
CA LEU B 159 -16.57 -1.49 2.61
C LEU B 159 -17.43 -2.70 2.23
N GLN B 160 -18.53 -2.45 1.54
CA GLN B 160 -19.41 -3.51 1.06
CA GLN B 160 -19.39 -3.53 1.10
C GLN B 160 -18.64 -4.45 0.14
N GLN B 161 -17.71 -3.89 -0.62
CA GLN B 161 -16.92 -4.67 -1.58
C GLN B 161 -16.04 -5.69 -0.89
N TRP B 162 -15.33 -5.28 0.15
CA TRP B 162 -14.47 -6.20 0.89
C TRP B 162 -15.29 -7.17 1.72
N TYR B 163 -16.43 -6.72 2.23
CA TYR B 163 -17.31 -7.62 2.97
C TYR B 163 -17.84 -8.70 2.04
N SER B 164 -18.11 -8.32 0.79
CA SER B 164 -18.56 -9.28 -0.22
C SER B 164 -17.46 -10.26 -0.57
N ILE B 165 -16.23 -9.76 -0.72
CA ILE B 165 -15.07 -10.59 -0.97
C ILE B 165 -14.87 -11.58 0.17
N ASN B 166 -15.08 -11.11 1.40
CA ASN B 166 -14.97 -11.97 2.58
C ASN B 166 -15.97 -13.13 2.53
N GLN B 167 -17.05 -12.94 1.78
CA GLN B 167 -18.09 -13.95 1.68
C GLN B 167 -17.94 -14.82 0.41
N ALA B 168 -16.96 -14.50 -0.42
CA ALA B 168 -16.76 -15.23 -1.68
C ALA B 168 -16.43 -16.71 -1.46
N SER B 169 -16.95 -17.57 -2.33
CA SER B 169 -16.73 -19.01 -2.22
C SER B 169 -15.46 -19.44 -2.97
N ASP B 170 -15.43 -19.21 -4.28
CA ASP B 170 -14.25 -19.53 -5.09
C ASP B 170 -13.83 -18.37 -6.00
N VAL B 171 -12.86 -18.62 -6.86
CA VAL B 171 -12.31 -17.60 -7.76
C VAL B 171 -13.37 -17.00 -8.69
N ALA B 172 -14.22 -17.85 -9.25
CA ALA B 172 -15.28 -17.39 -10.13
C ALA B 172 -16.27 -16.51 -9.38
N ASP B 173 -16.61 -16.90 -8.15
CA ASP B 173 -17.52 -16.13 -7.32
C ASP B 173 -16.88 -14.80 -6.93
N LEU B 174 -15.59 -14.83 -6.62
CA LEU B 174 -14.85 -13.63 -6.26
C LEU B 174 -14.87 -12.64 -7.42
N ARG B 175 -14.67 -13.16 -8.63
CA ARG B 175 -14.65 -12.32 -9.82
C ARG B 175 -16.00 -11.67 -10.07
N ARG B 176 -17.07 -12.43 -9.94
CA ARG B 176 -18.42 -11.90 -10.08
C ARG B 176 -18.65 -10.77 -9.08
N ARG B 177 -18.30 -11.02 -7.83
CA ARG B 177 -18.52 -10.07 -6.75
C ARG B 177 -17.75 -8.76 -6.92
N VAL B 178 -16.53 -8.85 -7.42
CA VAL B 178 -15.69 -7.67 -7.61
C VAL B 178 -16.11 -6.87 -8.85
N GLU B 179 -16.44 -7.56 -9.93
CA GLU B 179 -16.85 -6.89 -11.16
C GLU B 179 -18.23 -6.23 -11.04
N ALA B 180 -19.07 -6.78 -10.19
CA ALA B 180 -20.44 -6.29 -10.03
C ALA B 180 -20.49 -4.99 -9.23
N LEU B 181 -19.64 -4.89 -8.22
CA LEU B 181 -19.67 -3.75 -7.31
CA LEU B 181 -19.66 -3.75 -7.31
C LEU B 181 -18.67 -2.66 -7.71
N GLN B 182 -17.52 -3.08 -8.23
CA GLN B 182 -16.44 -2.15 -8.61
C GLN B 182 -16.09 -1.23 -7.44
N GLY B 183 -15.86 -1.83 -6.28
CA GLY B 183 -15.62 -1.08 -5.06
C GLY B 183 -14.17 -1.02 -4.65
N ILE B 184 -13.33 -1.80 -5.32
CA ILE B 184 -11.90 -1.81 -5.03
C ILE B 184 -11.29 -0.47 -5.48
N PRO B 185 -10.71 0.29 -4.53
CA PRO B 185 -10.26 1.66 -4.81
C PRO B 185 -9.03 1.77 -5.71
N TRP B 186 -7.89 1.20 -5.32
CA TRP B 186 -6.65 1.39 -6.09
C TRP B 186 -5.66 0.22 -6.04
N VAL B 187 -6.17 -1.01 -5.99
CA VAL B 187 -5.28 -2.17 -6.00
C VAL B 187 -5.69 -3.25 -7.00
N ASN B 188 -4.71 -4.05 -7.42
CA ASN B 188 -4.98 -5.27 -8.15
C ASN B 188 -5.53 -6.29 -7.18
N THR B 189 -6.13 -7.36 -7.72
CA THR B 189 -6.59 -8.46 -6.91
C THR B 189 -6.07 -9.75 -7.51
N LEU B 190 -5.36 -10.55 -6.72
CA LEU B 190 -4.90 -11.86 -7.15
C LEU B 190 -5.47 -12.92 -6.23
N ALA B 191 -5.82 -14.07 -6.77
CA ALA B 191 -6.47 -15.10 -5.98
C ALA B 191 -6.23 -16.49 -6.52
N ALA B 192 -6.47 -17.49 -5.67
CA ALA B 192 -6.41 -18.89 -6.06
C ALA B 192 -7.43 -19.65 -5.25
N ASP B 193 -8.02 -20.68 -5.84
CA ASP B 193 -8.98 -21.52 -5.11
C ASP B 193 -8.55 -22.98 -5.09
N GLU B 194 -9.23 -23.78 -4.27
CA GLU B 194 -8.92 -25.21 -4.15
C GLU B 194 -9.01 -25.95 -5.49
N GLN B 195 -9.96 -25.54 -6.33
CA GLN B 195 -10.16 -26.19 -7.63
C GLN B 195 -8.94 -26.03 -8.53
N GLY B 196 -8.12 -25.01 -8.26
CA GLY B 196 -6.87 -24.84 -8.99
C GLY B 196 -6.90 -23.71 -10.01
N ASN B 197 -7.79 -22.74 -9.80
CA ASN B 197 -7.82 -21.56 -10.66
C ASN B 197 -6.95 -20.45 -10.11
N ALA B 198 -6.19 -19.80 -10.98
CA ALA B 198 -5.38 -18.65 -10.58
C ALA B 198 -5.89 -17.40 -11.28
N LEU B 199 -6.23 -16.37 -10.51
CA LEU B 199 -6.86 -15.18 -11.06
C LEU B 199 -6.05 -13.92 -10.83
N TYR B 200 -6.00 -13.07 -11.86
CA TYR B 200 -5.48 -11.72 -11.73
C TYR B 200 -6.57 -10.74 -12.17
N MET B 201 -6.78 -9.70 -11.38
CA MET B 201 -7.74 -8.66 -11.75
C MET B 201 -7.16 -7.27 -11.54
N ASN B 202 -7.18 -6.45 -12.59
CA ASN B 202 -6.91 -5.03 -12.47
C ASN B 202 -8.26 -4.32 -12.35
N GLN B 203 -9.08 -4.82 -11.44
CA GLN B 203 -10.45 -4.33 -11.27
C GLN B 203 -10.56 -3.30 -10.15
N SER B 204 -10.31 -2.04 -10.48
CA SER B 204 -10.41 -0.96 -9.50
C SER B 204 -11.25 0.19 -10.04
N VAL B 205 -11.25 1.31 -9.32
CA VAL B 205 -11.98 2.50 -9.72
C VAL B 205 -11.07 3.40 -10.56
N VAL B 206 -11.32 3.43 -11.87
CA VAL B 206 -10.46 4.13 -12.82
C VAL B 206 -11.27 5.07 -13.69
N PRO B 207 -10.85 6.36 -13.77
CA PRO B 207 -11.51 7.36 -14.61
C PRO B 207 -11.65 6.88 -16.05
N TYR B 208 -12.82 7.09 -16.64
CA TYR B 208 -13.11 6.55 -17.96
C TYR B 208 -13.08 7.63 -19.04
N LEU B 209 -12.24 7.43 -20.04
CA LEU B 209 -12.26 8.24 -21.25
C LEU B 209 -12.44 7.33 -22.45
N LYS B 210 -13.49 7.59 -23.22
CA LYS B 210 -13.70 6.89 -24.48
C LYS B 210 -12.45 7.04 -25.34
N PRO B 211 -12.01 5.94 -25.97
CA PRO B 211 -10.73 5.85 -26.69
C PRO B 211 -10.48 6.99 -27.69
N GLU B 212 -11.53 7.46 -28.35
CA GLU B 212 -11.40 8.50 -29.37
C GLU B 212 -11.13 9.89 -28.79
N LEU B 213 -11.37 10.06 -27.49
CA LEU B 213 -11.20 11.36 -26.85
C LEU B 213 -9.77 11.60 -26.35
N ILE B 214 -9.07 10.51 -26.06
CA ILE B 214 -7.75 10.57 -25.42
C ILE B 214 -6.69 11.46 -26.11
N PRO B 215 -6.46 11.28 -27.43
CA PRO B 215 -5.42 12.12 -28.05
C PRO B 215 -5.76 13.61 -28.09
N ALA B 216 -7.03 13.94 -27.90
CA ALA B 216 -7.46 15.34 -27.89
C ALA B 216 -7.55 15.92 -26.49
N CYS B 217 -7.88 15.09 -25.52
CA CYS B 217 -8.09 15.55 -24.15
C CYS B 217 -6.84 15.54 -23.26
N ALA B 218 -5.82 14.79 -23.66
CA ALA B 218 -4.59 14.70 -22.87
C ALA B 218 -3.72 15.95 -22.99
N ILE B 219 -2.99 16.26 -21.92
CA ILE B 219 -1.96 17.30 -21.98
C ILE B 219 -0.64 16.59 -22.22
N PRO B 220 -0.16 16.60 -23.49
CA PRO B 220 0.98 15.82 -23.98
C PRO B 220 2.23 15.94 -23.11
N GLN B 221 2.65 17.16 -22.80
CA GLN B 221 3.83 17.38 -21.98
C GLN B 221 3.73 16.68 -20.63
N LEU B 222 2.56 16.79 -20.00
CA LEU B 222 2.34 16.27 -18.65
C LEU B 222 2.14 14.75 -18.61
N VAL B 223 1.45 14.19 -19.59
CA VAL B 223 1.23 12.75 -19.63
C VAL B 223 2.54 12.01 -19.93
N ALA B 224 3.46 12.72 -20.60
CA ALA B 224 4.78 12.17 -20.88
C ALA B 224 5.62 12.11 -19.60
N GLU B 225 5.19 12.87 -18.59
CA GLU B 225 5.86 12.88 -17.30
C GLU B 225 5.10 12.01 -16.30
N GLY B 226 4.13 11.25 -16.80
CA GLY B 226 3.41 10.28 -15.98
C GLY B 226 2.18 10.80 -15.29
N LEU B 227 1.77 12.03 -15.61
CA LEU B 227 0.60 12.63 -14.99
C LEU B 227 -0.65 12.46 -15.84
N PRO B 228 -1.75 12.01 -15.22
CA PRO B 228 -3.02 11.87 -15.94
C PRO B 228 -3.68 13.24 -16.11
N ALA B 229 -3.10 14.07 -16.97
CA ALA B 229 -3.56 15.44 -17.13
C ALA B 229 -4.47 15.61 -18.34
N LEU B 230 -5.59 16.29 -18.12
CA LEU B 230 -6.57 16.51 -19.19
C LEU B 230 -6.84 18.00 -19.42
N GLN B 231 -7.43 18.32 -20.58
CA GLN B 231 -7.81 19.69 -20.90
C GLN B 231 -9.10 20.06 -20.18
N GLY B 232 -9.02 21.01 -19.26
CA GLY B 232 -10.16 21.37 -18.44
C GLY B 232 -10.98 22.55 -18.96
N GLN B 233 -10.71 22.96 -20.19
CA GLN B 233 -11.46 24.05 -20.80
C GLN B 233 -12.44 23.54 -21.84
N ASP B 234 -12.48 22.22 -21.99
CA ASP B 234 -13.35 21.56 -22.96
C ASP B 234 -14.30 20.62 -22.24
N SER B 235 -15.60 20.87 -22.35
CA SER B 235 -16.61 20.07 -21.67
C SER B 235 -16.59 18.62 -22.14
N ARG B 236 -16.05 18.39 -23.33
CA ARG B 236 -15.99 17.07 -23.92
C ARG B 236 -14.92 16.18 -23.26
N CYS B 237 -14.08 16.80 -22.43
CA CYS B 237 -13.02 16.07 -21.74
C CYS B 237 -13.42 15.65 -20.33
N ALA B 238 -14.70 15.76 -20.03
CA ALA B 238 -15.23 15.21 -18.78
C ALA B 238 -15.17 13.70 -18.89
N TRP B 239 -15.07 13.01 -17.76
CA TRP B 239 -15.03 11.54 -17.75
C TRP B 239 -16.28 11.00 -18.46
N SER B 240 -16.07 10.02 -19.33
CA SER B 240 -17.17 9.47 -20.10
C SER B 240 -18.12 8.66 -19.23
N ARG B 241 -19.40 8.67 -19.58
CA ARG B 241 -20.40 7.90 -18.86
C ARG B 241 -20.78 6.63 -19.60
N ASP B 242 -20.74 5.50 -18.90
CA ASP B 242 -21.19 4.23 -19.43
C ASP B 242 -22.10 3.61 -18.38
N PRO B 243 -23.38 3.42 -18.73
CA PRO B 243 -24.41 2.89 -17.83
C PRO B 243 -24.02 1.57 -17.18
N ALA B 244 -23.10 0.84 -17.80
CA ALA B 244 -22.60 -0.42 -17.26
C ALA B 244 -21.74 -0.22 -16.02
N ALA B 245 -21.11 0.94 -15.91
CA ALA B 245 -20.25 1.25 -14.76
C ALA B 245 -21.05 1.39 -13.47
N ALA B 246 -20.48 0.89 -12.37
CA ALA B 246 -21.14 0.96 -11.07
C ALA B 246 -21.18 2.39 -10.54
N GLN B 247 -20.35 3.24 -11.13
CA GLN B 247 -20.20 4.62 -10.69
C GLN B 247 -20.02 5.52 -11.90
N ALA B 248 -20.71 6.66 -11.90
CA ALA B 248 -20.68 7.57 -13.04
C ALA B 248 -19.30 8.14 -13.33
N GLY B 249 -18.78 7.86 -14.52
CA GLY B 249 -17.49 8.38 -14.92
C GLY B 249 -16.33 7.41 -14.79
N ILE B 250 -16.57 6.24 -14.20
CA ILE B 250 -15.50 5.25 -14.05
C ILE B 250 -15.57 4.20 -15.16
N THR B 251 -14.49 3.45 -15.32
CA THR B 251 -14.37 2.46 -16.38
C THR B 251 -15.17 1.20 -16.06
N PRO B 252 -16.02 0.75 -17.01
CA PRO B 252 -16.79 -0.49 -16.88
C PRO B 252 -15.87 -1.69 -16.67
N ALA B 253 -16.34 -2.69 -15.93
CA ALA B 253 -15.50 -3.84 -15.58
C ALA B 253 -15.01 -4.63 -16.79
N ALA B 254 -15.82 -4.66 -17.85
CA ALA B 254 -15.48 -5.42 -19.05
C ALA B 254 -14.24 -4.87 -19.76
N GLN B 255 -13.88 -3.62 -19.48
CA GLN B 255 -12.75 -2.97 -20.15
C GLN B 255 -11.47 -2.96 -19.31
N LEU B 256 -11.51 -3.64 -18.16
CA LEU B 256 -10.35 -3.73 -17.29
C LEU B 256 -9.71 -5.11 -17.37
N PRO B 257 -8.37 -5.16 -17.25
CA PRO B 257 -7.59 -6.39 -17.44
C PRO B 257 -7.95 -7.50 -16.44
N VAL B 258 -8.25 -8.68 -16.97
CA VAL B 258 -8.47 -9.86 -16.14
C VAL B 258 -7.76 -11.05 -16.79
N LEU B 259 -7.09 -11.85 -15.98
CA LEU B 259 -6.46 -13.07 -16.46
C LEU B 259 -6.81 -14.24 -15.56
N LEU B 260 -7.46 -15.25 -16.13
CA LEU B 260 -7.87 -16.44 -15.39
C LEU B 260 -7.15 -17.65 -15.97
N ARG B 261 -6.23 -18.23 -15.20
CA ARG B 261 -5.41 -19.33 -15.71
C ARG B 261 -5.25 -20.48 -14.72
N ARG B 262 -4.61 -21.56 -15.16
CA ARG B 262 -4.38 -22.72 -14.32
C ARG B 262 -2.89 -23.00 -14.14
N ASP B 263 -2.05 -22.15 -14.72
CA ASP B 263 -0.61 -22.23 -14.45
C ASP B 263 -0.23 -21.27 -13.32
N PHE B 264 -0.10 -19.98 -13.63
CA PHE B 264 0.18 -18.98 -12.62
C PHE B 264 -0.13 -17.56 -13.09
N VAL B 265 -0.28 -16.66 -12.12
CA VAL B 265 -0.30 -15.23 -12.37
C VAL B 265 0.54 -14.56 -11.28
N GLN B 266 1.10 -13.39 -11.58
CA GLN B 266 1.90 -12.67 -10.61
C GLN B 266 1.80 -11.16 -10.81
N ASN B 267 2.14 -10.41 -9.76
CA ASN B 267 2.26 -8.96 -9.88
C ASN B 267 3.17 -8.39 -8.80
N SER B 268 4.07 -7.50 -9.20
CA SER B 268 4.92 -6.79 -8.27
C SER B 268 4.91 -5.30 -8.58
N ASN B 269 3.71 -4.75 -8.69
CA ASN B 269 3.46 -3.32 -8.90
C ASN B 269 3.73 -2.78 -10.30
N ASP B 270 3.94 -3.66 -11.27
CA ASP B 270 3.99 -3.24 -12.66
C ASP B 270 2.58 -3.33 -13.24
N SER B 271 2.42 -2.97 -14.51
CA SER B 271 1.12 -3.00 -15.15
C SER B 271 0.61 -4.43 -15.34
N ALA B 272 -0.59 -4.57 -15.90
CA ALA B 272 -1.19 -5.87 -16.13
C ALA B 272 -0.48 -6.65 -17.23
N TRP B 273 0.34 -5.94 -18.01
CA TRP B 273 0.99 -6.48 -19.22
C TRP B 273 1.52 -7.89 -19.11
N LEU B 274 2.55 -8.07 -18.29
CA LEU B 274 3.22 -9.36 -18.18
C LEU B 274 2.85 -10.14 -16.91
N THR B 275 1.56 -10.10 -16.56
CA THR B 275 1.04 -10.88 -15.44
C THR B 275 1.42 -12.36 -15.63
N ASN B 276 1.22 -12.84 -16.84
CA ASN B 276 1.81 -14.09 -17.29
C ASN B 276 2.19 -13.90 -18.76
N PRO B 277 3.50 -13.79 -19.04
CA PRO B 277 4.00 -13.50 -20.39
C PRO B 277 3.55 -14.47 -21.47
N ALA B 278 3.04 -15.64 -21.08
CA ALA B 278 2.48 -16.58 -22.04
C ALA B 278 1.17 -16.03 -22.62
N SER B 279 0.52 -15.16 -21.86
CA SER B 279 -0.72 -14.53 -22.29
C SER B 279 -0.73 -13.04 -21.94
N PRO B 280 0.04 -12.24 -22.69
CA PRO B 280 0.22 -10.80 -22.42
C PRO B 280 -1.07 -10.01 -22.50
N LEU B 281 -1.27 -9.09 -21.57
CA LEU B 281 -2.45 -8.24 -21.55
C LEU B 281 -2.17 -6.88 -22.22
N GLN B 282 -2.88 -6.61 -23.32
CA GLN B 282 -2.63 -5.42 -24.12
C GLN B 282 -3.94 -4.78 -24.59
N GLY B 283 -3.82 -3.57 -25.14
CA GLY B 283 -4.95 -2.91 -25.76
C GLY B 283 -5.87 -2.16 -24.81
N PHE B 284 -5.33 -1.76 -23.67
CA PHE B 284 -6.11 -1.00 -22.70
C PHE B 284 -5.78 0.49 -22.77
N SER B 285 -6.67 1.30 -22.24
CA SER B 285 -6.42 2.73 -22.08
C SER B 285 -5.15 2.94 -21.28
N PRO B 286 -4.39 4.00 -21.59
CA PRO B 286 -3.18 4.32 -20.83
C PRO B 286 -3.47 4.70 -19.38
N LEU B 287 -4.73 5.00 -19.09
CA LEU B 287 -5.18 5.25 -17.72
C LEU B 287 -5.26 3.93 -16.96
N VAL B 288 -5.40 2.85 -17.71
CA VAL B 288 -5.61 1.52 -17.12
C VAL B 288 -4.32 0.73 -17.02
N SER B 289 -3.66 0.50 -18.15
CA SER B 289 -2.46 -0.32 -18.18
C SER B 289 -1.62 -0.04 -19.42
N GLN B 290 -0.30 0.05 -19.25
CA GLN B 290 0.61 0.29 -20.35
C GLN B 290 1.68 -0.78 -20.41
N GLU B 291 2.32 -0.93 -21.57
CA GLU B 291 3.38 -1.92 -21.75
C GLU B 291 4.74 -1.34 -21.37
N LYS B 292 4.92 -1.07 -20.08
CA LYS B 292 6.18 -0.56 -19.57
C LYS B 292 7.08 -1.72 -19.16
N PRO B 293 8.41 -1.55 -19.32
CA PRO B 293 9.36 -2.54 -18.83
C PRO B 293 9.18 -2.77 -17.33
N ILE B 294 9.11 -4.04 -16.93
CA ILE B 294 8.80 -4.40 -15.55
C ILE B 294 9.97 -4.16 -14.60
N GLY B 295 9.67 -3.98 -13.32
CA GLY B 295 10.71 -3.82 -12.32
C GLY B 295 11.43 -5.13 -12.04
N PRO B 296 12.55 -5.06 -11.30
CA PRO B 296 13.37 -6.23 -10.98
C PRO B 296 12.66 -7.27 -10.11
N ARG B 297 11.72 -6.85 -9.28
CA ARG B 297 10.98 -7.80 -8.44
C ARG B 297 10.13 -8.74 -9.29
N ALA B 298 9.40 -8.19 -10.24
CA ALA B 298 8.61 -8.99 -11.17
C ALA B 298 9.51 -9.85 -12.05
N ARG B 299 10.61 -9.26 -12.50
CA ARG B 299 11.57 -9.95 -13.34
C ARG B 299 12.17 -11.13 -12.58
N TYR B 300 12.44 -10.93 -11.29
CA TYR B 300 12.91 -12.02 -10.42
C TYR B 300 11.88 -13.12 -10.31
N ALA B 301 10.65 -12.74 -10.01
CA ALA B 301 9.55 -13.70 -9.85
C ALA B 301 9.36 -14.56 -11.10
N LEU B 302 9.25 -13.90 -12.25
CA LEU B 302 9.07 -14.59 -13.53
C LEU B 302 10.22 -15.54 -13.85
N SER B 303 11.42 -15.22 -13.37
CA SER B 303 12.58 -16.08 -13.60
C SER B 303 12.50 -17.34 -12.74
N ARG B 304 11.71 -17.27 -11.67
CA ARG B 304 11.54 -18.41 -10.77
C ARG B 304 10.28 -19.20 -11.12
N LEU B 305 9.37 -18.56 -11.86
CA LEU B 305 8.06 -19.15 -12.16
C LEU B 305 7.99 -19.76 -13.57
N GLN B 306 8.80 -19.25 -14.48
CA GLN B 306 8.78 -19.74 -15.85
C GLN B 306 9.39 -21.14 -15.95
N GLY B 307 8.75 -22.02 -16.70
CA GLY B 307 9.21 -23.38 -16.84
C GLY B 307 8.12 -24.42 -16.63
N LYS B 308 8.55 -25.67 -16.43
CA LYS B 308 7.62 -26.80 -16.39
C LYS B 308 7.59 -27.53 -15.04
N GLN B 309 8.53 -27.23 -14.17
CA GLN B 309 8.62 -27.93 -12.89
C GLN B 309 7.52 -27.51 -11.92
N PRO B 310 7.00 -28.48 -11.14
CA PRO B 310 5.95 -28.21 -10.15
C PRO B 310 6.41 -27.19 -9.11
N LEU B 311 5.51 -26.31 -8.70
CA LEU B 311 5.83 -25.32 -7.69
C LEU B 311 5.36 -25.79 -6.32
N GLU B 312 6.26 -25.73 -5.34
CA GLU B 312 5.92 -26.11 -3.98
C GLU B 312 5.67 -24.88 -3.12
N ALA B 313 5.00 -25.07 -1.99
CA ALA B 313 4.80 -24.00 -1.03
C ALA B 313 6.14 -23.47 -0.56
N LYS B 314 7.06 -24.39 -0.32
CA LYS B 314 8.41 -24.05 0.11
C LYS B 314 9.13 -23.18 -0.91
N THR B 315 8.91 -23.46 -2.19
CA THR B 315 9.51 -22.68 -3.28
C THR B 315 9.08 -21.22 -3.21
N LEU B 316 7.78 -21.00 -3.01
CA LEU B 316 7.25 -19.64 -2.92
C LEU B 316 7.74 -18.93 -1.65
N GLU B 317 7.74 -19.65 -0.54
CA GLU B 317 8.21 -19.09 0.73
C GLU B 317 9.65 -18.62 0.61
N GLU B 318 10.49 -19.45 0.01
CA GLU B 318 11.92 -19.16 -0.12
C GLU B 318 12.22 -18.09 -1.15
N MET B 319 11.25 -17.77 -2.00
CA MET B 319 11.38 -16.63 -2.90
C MET B 319 11.43 -15.35 -2.08
N VAL B 320 10.82 -15.39 -0.89
CA VAL B 320 10.83 -14.26 0.03
C VAL B 320 12.01 -14.34 1.01
N THR B 321 12.21 -15.50 1.61
CA THR B 321 13.19 -15.66 2.68
C THR B 321 14.66 -15.71 2.23
N ALA B 322 14.88 -15.89 0.94
CA ALA B 322 16.24 -15.94 0.41
C ALA B 322 16.91 -14.56 0.42
N ASN B 323 16.08 -13.52 0.33
CA ASN B 323 16.56 -12.14 0.28
C ASN B 323 17.55 -11.88 -0.84
N HIS B 324 17.30 -12.47 -2.01
CA HIS B 324 18.19 -12.30 -3.14
C HIS B 324 18.05 -10.90 -3.77
N VAL B 325 19.17 -10.19 -3.86
CA VAL B 325 19.19 -8.88 -4.51
C VAL B 325 19.32 -9.09 -6.02
N PHE B 326 18.18 -9.21 -6.70
CA PHE B 326 18.14 -9.64 -8.10
C PHE B 326 18.81 -8.67 -9.09
N SER B 327 18.93 -7.40 -8.72
CA SER B 327 19.54 -6.42 -9.61
C SER B 327 21.05 -6.64 -9.75
N ALA B 328 21.63 -7.36 -8.80
CA ALA B 328 23.04 -7.73 -8.87
C ALA B 328 23.30 -8.69 -10.03
N ASP B 329 22.26 -9.44 -10.40
CA ASP B 329 22.36 -10.37 -11.52
C ASP B 329 22.69 -9.66 -12.83
N GLN B 330 22.22 -8.43 -12.98
CA GLN B 330 22.37 -7.69 -14.23
C GLN B 330 23.66 -6.88 -14.32
N VAL B 331 24.23 -6.47 -13.18
CA VAL B 331 25.37 -5.56 -13.21
C VAL B 331 26.63 -6.05 -12.48
N LEU B 332 26.48 -6.89 -11.45
CA LEU B 332 27.62 -7.32 -10.63
C LEU B 332 28.69 -8.15 -11.36
N PRO B 333 28.29 -9.09 -12.23
CA PRO B 333 29.32 -9.79 -13.02
C PRO B 333 30.28 -8.86 -13.75
N ASP B 334 29.75 -7.91 -14.52
CA ASP B 334 30.58 -6.97 -15.26
C ASP B 334 31.30 -5.98 -14.32
N LEU B 335 30.67 -5.68 -13.19
CA LEU B 335 31.28 -4.78 -12.20
C LEU B 335 32.51 -5.43 -11.58
N LEU B 336 32.47 -6.74 -11.41
CA LEU B 336 33.61 -7.48 -10.86
C LEU B 336 34.75 -7.55 -11.88
N ARG B 337 34.39 -7.65 -13.15
CA ARG B 337 35.38 -7.61 -14.23
C ARG B 337 36.11 -6.27 -14.21
N LEU B 338 35.36 -5.20 -13.97
CA LEU B 338 35.93 -3.87 -13.85
C LEU B 338 36.93 -3.82 -12.69
N CYS B 339 36.50 -4.37 -11.56
CA CYS B 339 37.35 -4.44 -10.36
C CYS B 339 38.62 -5.23 -10.61
N ARG B 340 38.54 -6.23 -11.48
CA ARG B 340 39.72 -7.00 -11.87
C ARG B 340 40.61 -6.25 -12.85
N ASP B 341 40.02 -5.34 -13.63
CA ASP B 341 40.80 -4.55 -14.58
C ASP B 341 41.46 -3.36 -13.91
N ASN B 342 41.16 -3.15 -12.63
CA ASN B 342 41.63 -1.97 -11.92
C ASN B 342 42.17 -2.28 -10.53
N GLN B 343 42.90 -3.39 -10.41
CA GLN B 343 43.51 -3.78 -9.15
C GLN B 343 44.66 -2.85 -8.80
N GLY B 344 44.72 -2.42 -7.55
CA GLY B 344 45.76 -1.51 -7.13
C GLY B 344 45.40 -0.06 -7.43
N GLU B 345 44.10 0.19 -7.57
CA GLU B 345 43.61 1.55 -7.69
C GLU B 345 43.38 2.12 -6.29
N LYS B 346 43.63 1.29 -5.29
CA LYS B 346 43.61 1.68 -3.87
C LYS B 346 42.26 2.23 -3.40
N SER B 347 41.76 3.25 -4.09
CA SER B 347 40.45 3.83 -3.80
C SER B 347 39.34 2.78 -3.96
N LEU B 348 39.56 1.83 -4.86
CA LEU B 348 38.56 0.82 -5.20
C LEU B 348 38.77 -0.48 -4.43
N ALA B 349 39.84 -0.55 -3.65
CA ALA B 349 40.24 -1.79 -2.96
C ALA B 349 39.19 -2.35 -2.00
N ARG B 350 38.73 -1.52 -1.06
CA ARG B 350 37.75 -1.97 -0.07
C ARG B 350 36.45 -2.41 -0.74
N ALA B 351 35.99 -1.60 -1.70
CA ALA B 351 34.73 -1.85 -2.39
C ALA B 351 34.76 -3.14 -3.21
N CYS B 352 35.82 -3.34 -3.98
CA CYS B 352 35.94 -4.51 -4.84
C CYS B 352 36.08 -5.81 -4.04
N ALA B 353 36.69 -5.73 -2.87
CA ALA B 353 36.79 -6.89 -1.99
C ALA B 353 35.42 -7.20 -1.37
N ALA B 354 34.77 -6.18 -0.85
CA ALA B 354 33.45 -6.31 -0.24
C ALA B 354 32.44 -6.86 -1.24
N LEU B 355 32.48 -6.36 -2.46
CA LEU B 355 31.58 -6.81 -3.53
C LEU B 355 31.89 -8.24 -3.95
N ALA B 356 33.15 -8.64 -3.82
CA ALA B 356 33.56 -9.99 -4.18
C ALA B 356 33.20 -11.02 -3.10
N GLN B 357 33.25 -10.61 -1.84
CA GLN B 357 32.89 -11.50 -0.73
C GLN B 357 31.37 -11.64 -0.58
N TRP B 358 30.65 -10.65 -1.10
CA TRP B 358 29.20 -10.53 -0.92
C TRP B 358 28.40 -11.73 -1.46
N ASP B 359 27.41 -12.17 -0.67
CA ASP B 359 26.58 -13.31 -1.04
C ASP B 359 25.43 -12.93 -1.97
N ARG B 360 25.46 -11.69 -2.46
CA ARG B 360 24.42 -11.16 -3.34
C ARG B 360 23.03 -11.15 -2.71
N GLY B 361 22.99 -11.13 -1.38
CA GLY B 361 21.72 -11.14 -0.67
C GLY B 361 21.58 -10.00 0.31
N ALA B 362 20.40 -9.88 0.90
CA ALA B 362 20.15 -8.89 1.95
C ALA B 362 19.77 -9.59 3.24
N ASN B 363 20.53 -10.62 3.59
CA ASN B 363 20.32 -11.36 4.83
C ASN B 363 20.98 -10.65 6.02
N LEU B 364 20.69 -11.14 7.23
CA LEU B 364 21.29 -10.57 8.44
C LEU B 364 22.81 -10.69 8.40
N ASP B 365 23.30 -11.78 7.82
CA ASP B 365 24.73 -12.05 7.77
C ASP B 365 25.38 -11.56 6.47
N SER B 366 24.59 -10.96 5.58
CA SER B 366 25.12 -10.40 4.35
C SER B 366 26.17 -9.33 4.65
N GLY B 367 27.24 -9.32 3.85
CA GLY B 367 28.34 -8.40 4.08
C GLY B 367 28.08 -6.99 3.59
N SER B 368 29.05 -6.11 3.82
CA SER B 368 28.95 -4.70 3.44
C SER B 368 28.91 -4.50 1.93
N GLY B 369 29.09 -5.57 1.18
CA GLY B 369 29.00 -5.53 -0.27
C GLY B 369 27.63 -5.06 -0.73
N PHE B 370 26.60 -5.36 0.06
CA PHE B 370 25.25 -4.88 -0.21
C PHE B 370 25.20 -3.35 -0.15
N VAL B 371 25.82 -2.78 0.88
CA VAL B 371 25.85 -1.34 1.05
C VAL B 371 26.56 -0.65 -0.12
N TYR B 372 27.74 -1.17 -0.48
CA TYR B 372 28.48 -0.66 -1.63
C TYR B 372 27.65 -0.78 -2.90
N PHE B 373 26.99 -1.92 -3.07
CA PHE B 373 26.16 -2.15 -4.26
C PHE B 373 25.00 -1.17 -4.35
N GLN B 374 24.42 -0.82 -3.20
CA GLN B 374 23.29 0.09 -3.17
C GLN B 374 23.69 1.51 -3.57
N ARG B 375 24.77 2.01 -2.99
CA ARG B 375 25.27 3.35 -3.31
C ARG B 375 25.71 3.43 -4.77
N PHE B 376 26.32 2.36 -5.27
CA PHE B 376 26.75 2.31 -6.67
C PHE B 376 25.57 2.35 -7.61
N MET B 377 24.54 1.55 -7.32
CA MET B 377 23.36 1.48 -8.17
C MET B 377 22.62 2.80 -8.22
N GLN B 378 22.71 3.57 -7.15
CA GLN B 378 22.06 4.88 -7.09
C GLN B 378 22.71 5.87 -8.06
N ARG B 379 23.98 5.64 -8.36
CA ARG B 379 24.71 6.46 -9.33
C ARG B 379 24.63 5.86 -10.72
N PHE B 380 24.65 4.53 -10.79
CA PHE B 380 24.58 3.82 -12.06
C PHE B 380 23.28 4.10 -12.79
N ALA B 381 22.22 4.39 -12.03
CA ALA B 381 20.92 4.69 -12.61
C ALA B 381 20.89 6.08 -13.23
N GLU B 382 21.84 6.92 -12.86
CA GLU B 382 21.92 8.29 -13.40
C GLU B 382 22.86 8.39 -14.59
N LEU B 383 23.42 7.27 -15.00
CA LEU B 383 24.28 7.21 -16.18
C LEU B 383 23.46 6.97 -17.44
N ASP B 384 23.93 7.51 -18.56
CA ASP B 384 23.20 7.39 -19.83
C ASP B 384 23.83 6.37 -20.76
N GLY B 385 23.03 5.39 -21.17
CA GLY B 385 23.46 4.36 -22.10
C GLY B 385 24.66 3.55 -21.61
N ALA B 386 24.51 2.93 -20.45
CA ALA B 386 25.59 2.14 -19.87
C ALA B 386 25.27 0.65 -19.81
N TRP B 387 24.04 0.28 -20.16
CA TRP B 387 23.66 -1.12 -20.29
C TRP B 387 24.31 -1.72 -21.54
N LYS B 388 24.84 -2.92 -21.42
CA LYS B 388 25.36 -3.62 -22.59
C LYS B 388 24.19 -3.96 -23.50
N GLU B 389 23.18 -4.60 -22.94
CA GLU B 389 21.93 -4.83 -23.63
C GLU B 389 20.85 -3.93 -23.03
N PRO B 390 20.49 -2.85 -23.73
CA PRO B 390 19.41 -1.96 -23.27
C PRO B 390 18.07 -2.69 -23.28
N PHE B 391 17.00 -2.06 -22.79
CA PHE B 391 15.70 -2.72 -22.79
C PHE B 391 15.25 -3.09 -24.20
N ASP B 392 15.01 -4.37 -24.40
CA ASP B 392 14.47 -4.89 -25.66
C ASP B 392 13.02 -5.29 -25.41
N ALA B 393 12.08 -4.59 -26.05
CA ALA B 393 10.66 -4.86 -25.85
C ALA B 393 10.27 -6.23 -26.41
N GLN B 394 11.18 -6.85 -27.15
CA GLN B 394 11.00 -8.22 -27.63
C GLN B 394 11.54 -9.21 -26.61
N ARG B 395 12.36 -8.71 -25.69
CA ARG B 395 12.93 -9.52 -24.62
C ARG B 395 12.76 -8.86 -23.26
N PRO B 396 11.50 -8.58 -22.86
CA PRO B 396 11.26 -7.76 -21.66
C PRO B 396 11.64 -8.43 -20.34
N LEU B 397 11.97 -9.71 -20.37
CA LEU B 397 12.29 -10.45 -19.15
C LEU B 397 13.79 -10.60 -18.94
N ASP B 398 14.56 -10.42 -20.01
CA ASP B 398 16.00 -10.65 -19.99
C ASP B 398 16.80 -9.37 -20.23
N THR B 399 16.09 -8.26 -20.43
CA THR B 399 16.70 -6.96 -20.63
C THR B 399 16.10 -5.94 -19.68
N PRO B 400 16.92 -4.98 -19.19
CA PRO B 400 18.34 -4.76 -19.51
C PRO B 400 19.28 -5.77 -18.85
N GLN B 401 20.55 -5.75 -19.28
CA GLN B 401 21.55 -6.69 -18.78
C GLN B 401 22.96 -6.21 -19.08
N GLY B 402 23.84 -6.27 -18.08
CA GLY B 402 25.26 -6.02 -18.27
C GLY B 402 25.69 -4.58 -18.39
N ILE B 403 26.97 -4.34 -18.15
CA ILE B 403 27.56 -3.01 -18.30
C ILE B 403 28.40 -2.96 -19.57
N ALA B 404 28.14 -1.98 -20.42
CA ALA B 404 28.88 -1.83 -21.68
C ALA B 404 30.31 -1.33 -21.44
N LEU B 405 31.16 -2.19 -20.89
CA LEU B 405 32.54 -1.82 -20.56
C LEU B 405 33.42 -1.74 -21.81
N ASP B 406 32.90 -2.19 -22.94
CA ASP B 406 33.64 -2.15 -24.19
C ASP B 406 33.56 -0.76 -24.84
N ARG B 407 32.79 0.13 -24.21
CA ARG B 407 32.76 1.54 -24.59
C ARG B 407 33.49 2.37 -23.53
N PRO B 408 34.60 3.00 -23.93
CA PRO B 408 35.54 3.69 -23.02
C PRO B 408 34.88 4.79 -22.18
N GLN B 409 33.89 5.48 -22.73
CA GLN B 409 33.16 6.50 -22.00
C GLN B 409 32.38 5.88 -20.83
N VAL B 410 31.67 4.79 -21.13
CA VAL B 410 30.91 4.06 -20.12
C VAL B 410 31.81 3.52 -19.02
N ALA B 411 32.92 2.90 -19.41
CA ALA B 411 33.89 2.37 -18.46
C ALA B 411 34.45 3.46 -17.54
N THR B 412 34.61 4.67 -18.08
CA THR B 412 35.07 5.82 -17.32
C THR B 412 34.09 6.18 -16.20
N GLN B 413 32.81 6.32 -16.55
CA GLN B 413 31.79 6.75 -15.60
C GLN B 413 31.43 5.68 -14.56
N VAL B 414 31.39 4.42 -14.99
CA VAL B 414 31.09 3.32 -14.07
C VAL B 414 32.15 3.21 -12.97
N ARG B 415 33.41 3.37 -13.34
CA ARG B 415 34.49 3.37 -12.38
C ARG B 415 34.42 4.59 -11.46
N GLN B 416 34.02 5.74 -12.03
CA GLN B 416 33.84 6.94 -11.24
C GLN B 416 32.67 6.76 -10.27
N ALA B 417 31.58 6.18 -10.77
CA ALA B 417 30.42 5.91 -9.95
C ALA B 417 30.77 5.00 -8.78
N LEU B 418 31.68 4.06 -9.01
CA LEU B 418 32.12 3.13 -7.98
C LEU B 418 33.00 3.83 -6.95
N ALA B 419 33.95 4.64 -7.42
CA ALA B 419 34.83 5.39 -6.53
C ALA B 419 34.05 6.37 -5.67
N ASP B 420 33.03 7.00 -6.25
CA ASP B 420 32.18 7.91 -5.50
C ASP B 420 31.38 7.15 -4.44
N ALA B 421 30.76 6.04 -4.86
CA ALA B 421 29.98 5.22 -3.95
C ALA B 421 30.85 4.70 -2.81
N ALA B 422 32.04 4.23 -3.15
CA ALA B 422 32.99 3.78 -2.14
C ALA B 422 33.28 4.89 -1.14
N ALA B 423 33.63 6.06 -1.67
CA ALA B 423 33.91 7.24 -0.84
C ALA B 423 32.80 7.58 0.15
N GLU B 424 31.55 7.53 -0.31
CA GLU B 424 30.40 7.81 0.54
C GLU B 424 30.30 6.80 1.69
N VAL B 425 30.55 5.54 1.36
CA VAL B 425 30.46 4.46 2.34
C VAL B 425 31.54 4.55 3.43
N GLU B 426 32.78 4.83 3.02
CA GLU B 426 33.87 4.97 3.98
C GLU B 426 33.64 6.19 4.88
N LYS B 427 33.01 7.21 4.32
CA LYS B 427 32.74 8.43 5.07
C LYS B 427 31.80 8.15 6.24
N SER B 428 30.73 7.39 5.98
CA SER B 428 29.77 7.03 7.01
C SER B 428 30.43 6.21 8.12
N GLY B 429 29.81 6.22 9.30
CA GLY B 429 30.35 5.50 10.44
C GLY B 429 30.02 4.03 10.45
N ILE B 430 30.51 3.30 9.46
CA ILE B 430 30.29 1.86 9.37
C ILE B 430 31.54 1.08 9.82
N PRO B 431 31.46 0.44 10.99
CA PRO B 431 32.54 -0.36 11.56
C PRO B 431 32.99 -1.47 10.63
N ASP B 432 34.20 -1.99 10.84
CA ASP B 432 34.62 -3.18 10.13
C ASP B 432 33.93 -4.37 10.80
N GLY B 433 33.64 -5.41 10.02
CA GLY B 433 32.94 -6.57 10.55
C GLY B 433 31.43 -6.37 10.63
N ALA B 434 30.96 -5.21 10.19
CA ALA B 434 29.54 -4.91 10.21
C ALA B 434 28.79 -5.67 9.12
N ARG B 435 27.76 -6.42 9.52
CA ARG B 435 26.89 -7.11 8.58
C ARG B 435 25.61 -6.30 8.39
N TRP B 436 24.85 -6.63 7.35
CA TRP B 436 23.61 -5.90 7.04
C TRP B 436 22.64 -5.86 8.21
N GLY B 437 22.57 -6.96 8.96
CA GLY B 437 21.68 -7.04 10.11
C GLY B 437 22.06 -6.11 11.24
N ASP B 438 23.36 -5.79 11.33
CA ASP B 438 23.86 -4.85 12.33
C ASP B 438 23.41 -3.43 11.99
N LEU B 439 23.10 -3.21 10.72
CA LEU B 439 22.72 -1.90 10.23
C LEU B 439 21.20 -1.68 10.23
N GLN B 440 20.48 -2.61 9.62
CA GLN B 440 19.02 -2.48 9.49
C GLN B 440 18.29 -3.14 10.64
N VAL B 441 17.54 -2.34 11.41
CA VAL B 441 16.84 -2.83 12.59
C VAL B 441 15.44 -2.24 12.70
N SER B 442 14.65 -2.83 13.59
CA SER B 442 13.38 -2.24 13.99
C SER B 442 13.42 -2.05 15.51
N THR B 443 13.22 -0.80 15.94
CA THR B 443 13.32 -0.47 17.36
C THR B 443 12.07 -0.92 18.14
N ARG B 444 12.30 -1.64 19.23
CA ARG B 444 11.23 -2.05 20.12
C ARG B 444 11.59 -1.63 21.55
N GLY B 445 10.94 -0.58 22.02
CA GLY B 445 11.29 -0.01 23.31
C GLY B 445 12.70 0.53 23.30
N GLN B 446 13.51 0.04 24.24
CA GLN B 446 14.90 0.48 24.37
C GLN B 446 15.85 -0.46 23.63
N GLU B 447 15.28 -1.36 22.83
CA GLU B 447 16.09 -2.35 22.12
C GLU B 447 15.87 -2.35 20.61
N ARG B 448 16.76 -3.02 19.89
CA ARG B 448 16.65 -3.18 18.45
C ARG B 448 16.44 -4.63 18.09
N ILE B 449 15.81 -4.87 16.94
CA ILE B 449 15.73 -6.21 16.36
C ILE B 449 16.20 -6.14 14.91
N ALA B 450 17.18 -6.97 14.56
CA ALA B 450 17.73 -6.97 13.21
C ALA B 450 16.67 -7.43 12.20
N ILE B 451 16.56 -6.70 11.08
CA ILE B 451 15.56 -7.02 10.07
C ILE B 451 16.20 -7.36 8.72
N PRO B 452 15.92 -8.57 8.21
CA PRO B 452 16.39 -9.01 6.89
C PRO B 452 15.56 -8.38 5.78
N GLY B 453 16.13 -8.31 4.58
CA GLY B 453 15.45 -7.70 3.46
C GLY B 453 16.09 -6.39 3.03
N GLY B 454 15.75 -5.93 1.83
CA GLY B 454 16.33 -4.71 1.28
C GLY B 454 15.32 -4.02 0.37
N ASP B 455 15.72 -2.88 -0.20
CA ASP B 455 14.80 -2.10 -1.03
C ASP B 455 14.37 -2.86 -2.28
N GLY B 456 13.09 -2.78 -2.59
CA GLY B 456 12.52 -3.50 -3.73
C GLY B 456 13.00 -3.00 -5.07
N HIS B 457 13.49 -1.76 -5.12
CA HIS B 457 14.05 -1.21 -6.34
C HIS B 457 15.34 -1.92 -6.74
N PHE B 458 15.89 -2.70 -5.81
CA PHE B 458 17.10 -3.48 -6.06
C PHE B 458 16.77 -4.94 -6.34
N GLY B 459 15.48 -5.23 -6.48
CA GLY B 459 15.05 -6.57 -6.82
C GLY B 459 14.99 -7.53 -5.65
N VAL B 460 14.91 -6.98 -4.44
CA VAL B 460 14.72 -7.81 -3.26
C VAL B 460 13.23 -8.08 -3.12
N TYR B 461 12.84 -9.33 -3.32
CA TYR B 461 11.42 -9.72 -3.25
C TYR B 461 10.87 -9.41 -1.86
N ASN B 462 11.65 -9.72 -0.84
CA ASN B 462 11.34 -9.30 0.53
C ASN B 462 11.70 -7.82 0.69
N ALA B 463 10.86 -6.95 0.15
CA ALA B 463 11.16 -5.53 0.16
C ALA B 463 11.06 -4.92 1.55
N ILE B 464 12.12 -4.22 1.95
CA ILE B 464 12.15 -3.53 3.23
C ILE B 464 12.67 -2.12 3.02
N GLN B 465 11.92 -1.15 3.57
CA GLN B 465 12.28 0.26 3.42
C GLN B 465 12.69 0.83 4.77
N SER B 466 13.89 1.41 4.83
CA SER B 466 14.39 1.96 6.08
C SER B 466 15.03 3.32 5.86
N VAL B 467 15.10 4.12 6.93
CA VAL B 467 15.72 5.43 6.87
C VAL B 467 16.80 5.53 7.93
N ARG B 468 17.79 6.39 7.72
CA ARG B 468 18.89 6.53 8.66
C ARG B 468 18.44 7.29 9.91
N LYS B 469 18.63 6.66 11.07
CA LYS B 469 18.34 7.31 12.35
C LYS B 469 19.45 6.99 13.33
N GLY B 470 20.26 7.99 13.65
CA GLY B 470 21.41 7.79 14.52
C GLY B 470 22.45 6.90 13.87
N ASP B 471 22.74 5.78 14.51
CA ASP B 471 23.79 4.87 14.06
C ASP B 471 23.26 3.76 13.15
N HIS B 472 21.96 3.78 12.88
CA HIS B 472 21.33 2.65 12.20
C HIS B 472 20.30 3.03 11.13
N LEU B 473 19.77 2.01 10.48
CA LEU B 473 18.66 2.15 9.55
C LEU B 473 17.39 1.62 10.23
N GLU B 474 16.42 2.50 10.43
CA GLU B 474 15.17 2.13 11.08
C GLU B 474 14.11 1.78 10.03
N VAL B 475 13.63 0.54 10.08
CA VAL B 475 12.59 0.08 9.16
C VAL B 475 11.33 0.92 9.32
N VAL B 476 10.78 1.40 8.20
CA VAL B 476 9.55 2.18 8.24
C VAL B 476 8.40 1.50 7.48
N GLY B 477 8.76 0.62 6.55
CA GLY B 477 7.76 -0.08 5.75
C GLY B 477 8.32 -1.24 4.95
N GLY B 478 7.42 -1.98 4.29
CA GLY B 478 7.82 -3.13 3.49
C GLY B 478 7.01 -4.36 3.85
N THR B 479 7.62 -5.53 3.72
CA THR B 479 7.00 -6.80 4.08
C THR B 479 6.31 -6.68 5.44
N SER B 480 5.03 -7.03 5.47
CA SER B 480 4.18 -6.78 6.62
C SER B 480 3.42 -8.03 6.98
N TYR B 481 2.23 -8.18 6.42
CA TYR B 481 1.45 -9.41 6.57
C TYR B 481 1.86 -10.41 5.48
N ILE B 482 2.42 -11.53 5.91
CA ILE B 482 2.76 -12.61 4.99
C ILE B 482 1.74 -13.73 5.11
N GLN B 483 1.23 -14.18 3.98
CA GLN B 483 0.24 -15.24 3.95
C GLN B 483 0.49 -16.18 2.78
N LEU B 484 0.78 -17.45 3.10
CA LEU B 484 0.97 -18.47 2.09
C LEU B 484 -0.06 -19.57 2.28
N VAL B 485 -1.01 -19.69 1.35
CA VAL B 485 -2.14 -20.59 1.51
C VAL B 485 -2.12 -21.75 0.52
N THR B 486 -2.26 -22.97 1.04
CA THR B 486 -2.49 -24.15 0.22
C THR B 486 -3.80 -24.79 0.65
N PHE B 487 -4.30 -25.74 -0.13
CA PHE B 487 -5.59 -26.34 0.17
C PHE B 487 -5.56 -27.86 0.28
N PRO B 488 -4.94 -28.40 1.34
CA PRO B 488 -5.02 -29.85 1.54
C PRO B 488 -6.44 -30.25 1.96
N GLU B 489 -6.74 -31.54 1.93
CA GLU B 489 -8.11 -32.04 2.09
C GLU B 489 -8.81 -31.63 3.38
N GLU B 490 -8.07 -31.57 4.48
CA GLU B 490 -8.65 -31.25 5.79
C GLU B 490 -9.23 -29.84 5.79
N GLY B 491 -8.52 -28.92 5.13
CA GLY B 491 -8.92 -27.54 5.06
C GLY B 491 -7.75 -26.67 4.66
N PRO B 492 -7.95 -25.34 4.65
CA PRO B 492 -6.88 -24.41 4.28
C PRO B 492 -5.68 -24.50 5.22
N LYS B 493 -4.50 -24.72 4.64
CA LYS B 493 -3.26 -24.64 5.40
C LYS B 493 -2.65 -23.27 5.14
N ALA B 494 -2.71 -22.40 6.13
CA ALA B 494 -2.21 -21.04 5.99
C ALA B 494 -0.95 -20.83 6.82
N ARG B 495 0.04 -20.21 6.21
CA ARG B 495 1.37 -20.09 6.82
C ARG B 495 1.92 -18.68 6.59
N GLY B 496 2.47 -18.09 7.65
CA GLY B 496 3.05 -16.77 7.52
C GLY B 496 3.33 -16.05 8.83
N LEU B 497 3.22 -14.73 8.80
CA LEU B 497 3.55 -13.87 9.93
C LEU B 497 2.95 -12.49 9.74
N LEU B 498 2.92 -11.73 10.82
CA LEU B 498 2.77 -10.27 10.73
C LEU B 498 4.09 -9.70 11.24
N ALA B 499 4.92 -9.24 10.31
CA ALA B 499 6.32 -8.90 10.57
C ALA B 499 6.56 -7.98 11.77
N PHE B 500 5.67 -7.03 11.99
CA PHE B 500 5.85 -6.04 13.06
C PHE B 500 4.98 -6.31 14.29
N SER B 501 4.35 -7.47 14.32
CA SER B 501 3.51 -7.94 15.44
C SER B 501 2.16 -7.23 15.53
N GLN B 502 1.25 -7.85 16.28
CA GLN B 502 -0.14 -7.39 16.37
C GLN B 502 -0.30 -5.99 16.96
N SER B 503 0.48 -5.69 17.99
CA SER B 503 0.26 -4.45 18.75
C SER B 503 1.36 -3.41 18.53
N SER B 504 0.93 -2.16 18.37
CA SER B 504 1.86 -1.04 18.26
C SER B 504 2.16 -0.44 19.64
N ASP B 505 1.57 -1.04 20.67
CA ASP B 505 1.75 -0.54 22.04
C ASP B 505 2.83 -1.35 22.77
N PRO B 506 3.86 -0.66 23.23
CA PRO B 506 5.02 -1.26 23.91
C PRO B 506 4.65 -2.08 25.14
N ARG B 507 3.49 -1.81 25.74
CA ARG B 507 3.07 -2.52 26.95
C ARG B 507 2.50 -3.90 26.65
N SER B 508 2.17 -4.14 25.38
CA SER B 508 1.52 -5.39 24.97
C SER B 508 2.51 -6.54 24.87
N PRO B 509 2.05 -7.76 25.22
CA PRO B 509 2.82 -9.00 25.04
C PRO B 509 3.00 -9.33 23.56
N HIS B 510 2.32 -8.61 22.69
CA HIS B 510 2.36 -8.88 21.26
C HIS B 510 2.90 -7.67 20.51
N TYR B 511 3.89 -7.03 21.11
CA TYR B 511 4.51 -5.83 20.59
C TYR B 511 5.73 -6.17 19.72
N ARG B 512 6.36 -7.29 20.02
CA ARG B 512 7.57 -7.70 19.30
C ARG B 512 7.70 -9.21 19.12
N ASP B 513 6.68 -9.97 19.48
CA ASP B 513 6.79 -11.43 19.45
C ASP B 513 6.96 -12.00 18.04
N GLN B 514 6.17 -11.51 17.09
CA GLN B 514 6.29 -11.96 15.70
C GLN B 514 7.48 -11.30 15.00
N THR B 515 7.91 -10.15 15.50
CA THR B 515 9.04 -9.44 14.93
C THR B 515 10.33 -10.21 15.16
N GLU B 516 10.45 -10.82 16.33
CA GLU B 516 11.58 -11.69 16.64
C GLU B 516 11.62 -12.86 15.65
N LEU B 517 10.44 -13.39 15.35
CA LEU B 517 10.32 -14.50 14.41
C LEU B 517 10.64 -14.08 12.97
N PHE B 518 10.30 -12.85 12.62
CA PHE B 518 10.58 -12.34 11.28
C PHE B 518 12.08 -12.16 11.08
N SER B 519 12.77 -11.74 12.13
CA SER B 519 14.22 -11.58 12.10
C SER B 519 14.87 -12.91 11.76
N ARG B 520 14.33 -13.98 12.32
CA ARG B 520 14.85 -15.33 12.11
C ARG B 520 14.18 -16.01 10.93
N GLN B 521 13.26 -15.31 10.29
CA GLN B 521 12.54 -15.81 9.12
C GLN B 521 11.86 -17.16 9.40
N GLN B 522 11.19 -17.25 10.54
CA GLN B 522 10.49 -18.45 10.95
C GLN B 522 8.99 -18.22 10.92
N TRP B 523 8.38 -18.50 9.77
CA TRP B 523 6.95 -18.30 9.58
C TRP B 523 6.16 -19.31 10.40
N GLN B 524 4.91 -18.99 10.68
CA GLN B 524 4.11 -19.82 11.58
C GLN B 524 2.77 -20.21 10.98
N THR B 525 2.10 -21.15 11.63
CA THR B 525 0.75 -21.56 11.26
C THR B 525 -0.24 -20.42 11.51
N LEU B 526 -1.13 -20.20 10.55
CA LEU B 526 -2.27 -19.31 10.77
C LEU B 526 -3.50 -20.19 10.97
N PRO B 527 -3.86 -20.43 12.24
CA PRO B 527 -4.92 -21.39 12.61
C PRO B 527 -6.30 -20.92 12.20
N PHE B 528 -7.02 -21.75 11.45
CA PHE B 528 -8.29 -21.37 10.87
C PHE B 528 -9.46 -22.23 11.34
N SER B 529 -9.25 -23.54 11.34
CA SER B 529 -10.29 -24.48 11.76
C SER B 529 -10.43 -24.48 13.27
N ASP B 530 -11.58 -24.97 13.75
CA ASP B 530 -11.81 -25.11 15.18
C ASP B 530 -10.77 -26.03 15.81
N ARG B 531 -10.31 -27.02 15.07
CA ARG B 531 -9.35 -27.99 15.59
C ARG B 531 -7.94 -27.40 15.71
N GLN B 532 -7.57 -26.55 14.76
CA GLN B 532 -6.27 -25.86 14.81
C GLN B 532 -6.24 -24.90 15.97
N ILE B 533 -7.31 -24.14 16.11
CA ILE B 533 -7.46 -23.14 17.16
C ILE B 533 -7.49 -23.79 18.56
N ASP B 534 -8.18 -24.91 18.67
CA ASP B 534 -8.27 -25.63 19.94
C ASP B 534 -6.93 -26.26 20.32
N ALA B 535 -6.11 -26.54 19.31
CA ALA B 535 -4.82 -27.17 19.53
C ALA B 535 -3.75 -26.20 20.00
N ASP B 536 -4.07 -24.91 20.03
CA ASP B 536 -3.12 -23.89 20.46
C ASP B 536 -3.10 -23.80 21.98
N PRO B 537 -1.93 -24.08 22.59
CA PRO B 537 -1.74 -24.03 24.04
C PRO B 537 -1.84 -22.61 24.62
N GLN B 538 -1.74 -21.59 23.76
CA GLN B 538 -1.88 -20.21 24.20
C GLN B 538 -3.32 -19.73 24.10
N LEU B 539 -4.22 -20.64 23.75
CA LEU B 539 -5.63 -20.29 23.51
C LEU B 539 -6.24 -19.53 24.67
N GLN B 540 -6.83 -18.37 24.36
CA GLN B 540 -7.55 -17.58 25.34
C GLN B 540 -8.95 -17.32 24.82
N ARG B 541 -9.90 -17.11 25.72
CA ARG B 541 -11.29 -16.88 25.31
C ARG B 541 -12.00 -15.85 26.17
N LEU B 542 -12.80 -15.00 25.53
CA LEU B 542 -13.59 -14.01 26.23
C LEU B 542 -14.90 -13.77 25.48
N SER B 543 -16.01 -13.83 26.21
CA SER B 543 -17.30 -13.48 25.64
C SER B 543 -17.77 -12.17 26.24
N ILE B 544 -18.14 -11.22 25.39
CA ILE B 544 -18.60 -9.91 25.86
C ILE B 544 -19.96 -9.56 25.28
N ARG B 545 -20.74 -8.79 26.03
CA ARG B 545 -22.01 -8.28 25.56
C ARG B 545 -22.34 -6.95 26.22
N GLU B 546 -23.24 -6.19 25.59
CA GLU B 546 -23.79 -4.98 26.19
C GLU B 546 -25.06 -4.59 25.45
N ALA B 547 -25.97 -3.91 26.13
CA ALA B 547 -27.25 -3.55 25.54
C ALA B 547 -27.10 -2.58 24.37
N ALA B 548 -27.85 -2.84 23.30
CA ALA B 548 -27.83 -1.97 22.12
C ALA B 548 -28.61 -0.69 22.37
C1 GOL C . 4.94 16.93 3.95
O1 GOL C . 4.94 17.44 2.63
C2 GOL C . 5.60 17.93 4.91
O2 GOL C . 6.83 18.37 4.35
C3 GOL C . 4.68 19.13 5.13
O3 GOL C . 3.34 18.73 5.02
C1 GOL D . -15.17 16.68 0.36
O1 GOL D . -14.89 15.33 0.06
C2 GOL D . -15.29 17.47 -0.94
O2 GOL D . -15.45 16.59 -2.03
C3 GOL D . -16.52 18.38 -0.84
O3 GOL D . -16.33 19.52 -1.65
C1 GOL E . -14.03 18.84 13.71
O1 GOL E . -12.76 19.07 14.25
C2 GOL E . -14.02 17.52 12.94
O2 GOL E . -15.16 16.77 13.26
C3 GOL E . -13.98 17.78 11.44
O3 GOL E . -13.93 16.53 10.77
C1 GOL F . -25.66 8.77 11.70
O1 GOL F . -26.24 9.89 11.07
C2 GOL F . -24.15 9.01 11.84
O2 GOL F . -23.79 8.98 13.21
C3 GOL F . -23.39 7.93 11.08
O3 GOL F . -22.01 8.11 11.29
B1 3QJ G . 1.87 -2.92 -1.97
O3 3QJ G . 3.31 -2.18 -1.71
O2 3QJ G . 1.41 -2.67 -3.53
C13 3QJ G . 0.71 -2.37 -0.92
C12 3QJ G . -0.55 -3.31 -1.02
C11 3QJ G . -1.55 -3.04 0.06
C10 3QJ G . -2.88 -3.73 -0.17
C9 3QJ G . -4.00 -3.10 0.66
C8 3QJ G . -5.25 -3.96 0.71
C1 GOL H . 0.38 4.60 6.93
O1 GOL H . 0.66 4.21 8.25
C2 GOL H . 0.61 6.10 6.76
O2 GOL H . -0.42 6.66 5.98
C3 GOL H . 0.66 6.78 8.12
O3 GOL H . -0.63 6.80 8.70
C1 GOL I . -17.37 -19.84 2.96
O1 GOL I . -16.82 -20.23 1.72
C2 GOL I . -17.66 -18.34 2.95
O2 GOL I . -18.94 -18.10 3.50
C3 GOL I . -16.61 -17.59 3.75
O3 GOL I . -17.07 -16.29 4.01
C1 GOL J . -3.79 28.58 6.64
O1 GOL J . -4.43 29.72 6.10
C2 GOL J . -2.27 28.72 6.49
O2 GOL J . -1.63 28.16 7.60
C3 GOL J . -1.80 28.04 5.21
O3 GOL J . -1.65 26.65 5.44
C1 GOL K . -0.34 4.27 -1.27
O1 GOL K . -1.10 3.13 -0.99
C2 GOL K . -0.42 4.59 -2.75
O2 GOL K . 0.71 4.04 -3.41
C3 GOL K . -1.69 4.00 -3.35
O3 GOL K . -1.86 4.46 -4.67
C1 GOL L . -19.68 14.28 -16.00
O1 GOL L . -19.21 15.61 -15.99
C2 GOL L . -18.70 13.39 -15.23
O2 GOL L . -18.18 12.40 -16.09
C3 GOL L . -19.43 12.73 -14.06
O3 GOL L . -18.92 11.44 -13.87
C1 GOL M . 10.00 -12.56 24.23
O1 GOL M . 10.89 -11.49 24.45
C2 GOL M . 8.68 -12.04 23.68
O2 GOL M . 7.72 -12.02 24.71
C3 GOL M . 8.19 -12.97 22.56
O3 GOL M . 8.02 -14.27 23.07
C1 GOL N . -9.66 -3.12 -23.62
O1 GOL N . -9.81 -4.41 -24.18
C2 GOL N . -11.01 -2.42 -23.62
O2 GOL N . -12.02 -3.39 -23.75
C3 GOL N . -11.07 -1.46 -24.80
O3 GOL N . -10.03 -0.51 -24.68
C1 GOL O . -19.59 18.76 -18.49
O1 GOL O . -19.26 17.98 -19.62
C2 GOL O . -18.85 20.09 -18.55
O2 GOL O . -19.64 21.11 -17.95
C3 GOL O . -17.53 19.98 -17.81
O3 GOL O . -16.78 18.91 -18.34
C1 GOL P . 3.18 -27.84 -2.44
O1 GOL P . 3.75 -27.89 -1.15
C2 GOL P . 1.68 -28.08 -2.36
O2 GOL P . 1.24 -28.00 -1.03
C3 GOL P . 0.96 -27.01 -3.20
O3 GOL P . 1.51 -26.98 -4.48
C1 GOL Q . 21.94 3.04 -16.96
O1 GOL Q . 22.00 3.45 -18.30
C2 GOL Q . 20.52 3.23 -16.43
O2 GOL Q . 19.60 3.00 -17.49
C3 GOL Q . 20.24 2.24 -15.31
O3 GOL Q . 18.89 2.27 -14.96
C1 GOL R . -11.05 -15.38 -18.71
O1 GOL R . -12.37 -14.92 -18.80
C2 GOL R . -10.17 -14.64 -19.71
O2 GOL R . -10.77 -13.41 -20.06
C3 GOL R . -8.79 -14.37 -19.12
O3 GOL R . -8.09 -15.59 -18.99
C1 GOL S . 22.39 -9.76 12.96
O1 GOL S . 22.26 -9.13 14.22
C2 GOL S . 23.82 -9.64 12.44
O2 GOL S . 24.68 -9.16 13.44
C3 GOL S . 24.29 -11.01 11.96
O3 GOL S . 25.60 -11.25 12.43
#